data_6WCS
#
_entry.id   6WCS
#
_cell.length_a   53.352
_cell.length_b   79.432
_cell.length_c   194.214
_cell.angle_alpha   90.000
_cell.angle_beta   90.000
_cell.angle_gamma   90.000
#
_symmetry.space_group_name_H-M   'P 21 21 21'
#
loop_
_entity.id
_entity.type
_entity.pdbx_description
1 polymer 'Protein ENHANCED PSEUDOMONAS SUSCEPTIBILITY 1'
2 non-polymer 'L(+)-TARTARIC ACID'
3 water water
#
_entity_poly.entity_id   1
_entity_poly.type   'polypeptide(L)'
_entity_poly.pdbx_seq_one_letter_code
;AAHGMEEELVVISKSIVNPRSLKKPTSVKKIQLTPWDLSRLRFGYLQRGLLFHKIEVKQLQASLSVALDRFYPLAGRLVK
LKNDDDTVSFFISCDGSGVEFVHAVAKNIELSDVLELSGSVPGFFASFFPATGIKNYHGVSRSLLMVQVTEMKDGVFIGF
GYNSTVADATSIWKFINAWSEICSKDSSGSQTFQRRLHLKGWFFDEIDYPIHIPDPETKPTSYVTTPTNLQEKMFHVTKE
NVLKLDAKANDEADQKISSIQAVLAYIWRSMVKHSGMSREEETHCRLPINMRQRLNPPLEEECFGNVSQTGIATVTVGEL
LDHGLGWAAMQINNMELSQTDEKAKAFAENWVKNIKIPVSVGSKDLVVTNSHRFDVYCNDFGWGKPIAARAGPPYLNGRL
VVFKGIGEASLDFQACLLPQVVEKLVKDAEFNEYVSIV
;
_entity_poly.pdbx_strand_id   A,B
#
# COMPACT_ATOMS: atom_id res chain seq x y z
N ALA A 1 3.07 7.78 17.03
CA ALA A 1 3.16 9.15 17.52
C ALA A 1 3.31 9.18 19.03
N ALA A 2 4.22 10.01 19.52
CA ALA A 2 4.42 10.16 20.95
C ALA A 2 3.32 11.03 21.55
N HIS A 3 2.97 10.73 22.79
CA HIS A 3 1.97 11.51 23.50
C HIS A 3 2.57 12.85 23.94
N GLY A 4 1.89 13.93 23.60
CA GLY A 4 2.28 15.26 24.01
C GLY A 4 2.68 16.12 22.83
N MET A 5 3.36 17.21 23.14
CA MET A 5 3.70 18.22 22.14
C MET A 5 5.05 17.97 21.49
N GLU A 6 5.93 17.24 22.16
CA GLU A 6 7.29 17.03 21.69
C GLU A 6 7.47 15.60 21.18
N GLU A 7 8.14 15.48 20.04
CA GLU A 7 8.52 14.18 19.49
C GLU A 7 10.04 14.05 19.58
N GLU A 8 10.48 12.87 20.01
CA GLU A 8 11.90 12.62 20.22
C GLU A 8 12.55 12.23 18.90
N LEU A 9 13.64 12.90 18.57
CA LEU A 9 14.50 12.52 17.44
C LEU A 9 15.93 12.52 17.95
N VAL A 10 16.52 11.34 18.03
CA VAL A 10 17.90 11.20 18.45
C VAL A 10 18.76 11.03 17.20
N VAL A 11 19.80 11.85 17.12
CA VAL A 11 20.75 11.76 16.02
C VAL A 11 21.84 10.79 16.44
N ILE A 12 21.81 9.60 15.84
CA ILE A 12 22.83 8.69 16.34
C ILE A 12 24.19 9.02 15.74
N SER A 13 24.33 9.48 14.50
CA SER A 13 25.66 9.82 14.02
C SER A 13 25.50 10.72 12.79
N LYS A 14 26.55 11.48 12.51
CA LYS A 14 26.64 12.23 11.28
C LYS A 14 28.05 12.09 10.74
N SER A 15 28.13 11.72 9.47
CA SER A 15 29.42 11.41 8.88
C SER A 15 29.43 11.84 7.41
N ILE A 16 30.62 11.75 6.81
CA ILE A 16 30.82 12.00 5.40
C ILE A 16 31.11 10.66 4.73
N VAL A 17 30.33 10.35 3.69
CA VAL A 17 30.51 9.12 2.92
C VAL A 17 31.19 9.50 1.61
N ASN A 18 32.43 9.06 1.46
CA ASN A 18 33.17 9.32 0.24
C ASN A 18 32.96 8.19 -0.76
N PRO A 19 33.08 8.47 -2.05
CA PRO A 19 32.95 7.41 -3.04
C PRO A 19 33.96 6.29 -2.91
N ARG A 20 33.60 5.14 -3.49
CA ARG A 20 34.69 4.17 -3.55
C ARG A 20 34.81 3.68 -4.98
N SER A 21 36.02 3.46 -5.34
CA SER A 21 36.34 3.02 -6.66
C SER A 21 37.43 2.03 -6.64
N LEU A 22 37.45 1.23 -7.66
CA LEU A 22 38.46 0.26 -7.72
C LEU A 22 39.53 1.09 -8.30
N LYS A 23 39.29 1.45 -9.55
CA LYS A 23 40.24 2.19 -10.31
C LYS A 23 40.67 3.58 -9.86
N LYS A 24 41.80 4.02 -10.37
CA LYS A 24 42.34 5.30 -9.98
C LYS A 24 41.76 6.39 -10.79
N PRO A 25 41.20 7.38 -10.11
CA PRO A 25 40.63 8.55 -10.73
C PRO A 25 41.78 9.48 -10.62
N THR A 26 42.11 10.00 -11.77
CA THR A 26 43.27 10.83 -12.10
C THR A 26 42.95 12.31 -12.17
N SER A 27 41.82 12.70 -12.77
CA SER A 27 41.44 14.07 -13.05
C SER A 27 40.21 14.43 -12.24
N VAL A 28 39.99 15.72 -12.01
CA VAL A 28 38.78 16.21 -11.37
C VAL A 28 37.91 16.83 -12.45
N LYS A 29 36.80 16.17 -12.76
CA LYS A 29 36.00 16.69 -13.85
C LYS A 29 35.17 17.89 -13.38
N LYS A 30 34.94 18.77 -14.35
CA LYS A 30 34.12 19.94 -14.08
C LYS A 30 32.87 19.89 -14.94
N ILE A 31 31.77 20.22 -14.29
CA ILE A 31 30.46 20.28 -14.93
C ILE A 31 30.00 21.73 -14.92
N GLN A 32 29.75 22.28 -16.10
CA GLN A 32 29.35 23.66 -16.23
C GLN A 32 27.84 23.79 -16.02
N LEU A 33 27.43 24.94 -15.49
CA LEU A 33 26.05 25.18 -15.13
C LEU A 33 25.38 26.03 -16.20
N THR A 34 24.24 25.57 -16.69
CA THR A 34 23.47 26.27 -17.70
C THR A 34 22.64 27.37 -17.05
N PRO A 35 21.98 28.21 -17.85
CA PRO A 35 21.06 29.20 -17.26
C PRO A 35 19.97 28.56 -16.43
N TRP A 36 19.47 27.39 -16.83
CA TRP A 36 18.51 26.68 -16.01
C TRP A 36 19.07 26.43 -14.61
N ASP A 37 20.27 25.86 -14.53
CA ASP A 37 20.88 25.56 -13.23
C ASP A 37 21.11 26.84 -12.43
N LEU A 38 21.66 27.86 -13.08
CA LEU A 38 22.00 29.09 -12.37
C LEU A 38 20.76 29.81 -11.86
N SER A 39 19.65 29.72 -12.58
CA SER A 39 18.42 30.38 -12.14
C SER A 39 17.87 29.79 -10.85
N ARG A 40 18.33 28.60 -10.46
CA ARG A 40 17.84 27.92 -9.28
C ARG A 40 18.80 28.00 -8.10
N LEU A 41 19.87 28.79 -8.22
CA LEU A 41 20.91 28.82 -7.19
C LEU A 41 20.34 29.16 -5.81
N ARG A 42 19.30 29.98 -5.76
CA ARG A 42 18.74 30.44 -4.50
C ARG A 42 17.55 29.62 -4.05
N PHE A 43 17.23 28.54 -4.76
CA PHE A 43 16.17 27.64 -4.34
C PHE A 43 16.70 26.65 -3.30
N GLY A 44 15.77 26.14 -2.48
CA GLY A 44 16.14 25.17 -1.49
C GLY A 44 16.29 23.76 -2.05
N TYR A 45 17.09 22.96 -1.36
CA TYR A 45 17.26 21.57 -1.74
C TYR A 45 15.91 20.88 -1.83
N LEU A 46 15.76 19.97 -2.80
CA LEU A 46 14.54 19.20 -2.93
C LEU A 46 14.68 17.91 -2.15
N GLN A 47 13.64 17.55 -1.39
CA GLN A 47 13.72 16.47 -0.41
C GLN A 47 12.63 15.46 -0.66
N ARG A 48 13.02 14.18 -0.73
CA ARG A 48 12.11 13.07 -0.92
C ARG A 48 12.58 11.91 -0.06
N GLY A 49 11.81 10.82 -0.05
CA GLY A 49 12.20 9.70 0.78
C GLY A 49 11.32 8.49 0.55
N LEU A 50 11.80 7.37 1.09
CA LEU A 50 11.15 6.07 0.97
C LEU A 50 11.00 5.42 2.34
N LEU A 51 9.87 4.75 2.53
CA LEU A 51 9.55 4.08 3.79
C LEU A 51 9.71 2.57 3.62
N PHE A 52 10.35 1.92 4.59
CA PHE A 52 10.62 0.48 4.53
C PHE A 52 10.27 -0.17 5.85
N HIS A 53 10.02 -1.48 5.79
CA HIS A 53 9.93 -2.28 6.99
C HIS A 53 11.29 -2.45 7.65
N LYS A 54 12.36 -2.56 6.86
CA LYS A 54 13.66 -2.96 7.39
C LYS A 54 14.76 -2.38 6.52
N ILE A 55 15.80 -1.85 7.18
CA ILE A 55 16.99 -1.34 6.51
C ILE A 55 18.18 -1.54 7.43
N GLU A 56 19.27 -2.10 6.91
CA GLU A 56 20.50 -2.25 7.66
C GLU A 56 21.42 -1.08 7.33
N VAL A 57 21.71 -0.26 8.33
CA VAL A 57 22.38 1.02 8.10
C VAL A 57 23.79 0.81 7.57
N LYS A 58 24.48 -0.15 8.13
CA LYS A 58 25.83 -0.44 7.72
C LYS A 58 25.94 -0.75 6.25
N GLN A 59 25.19 -1.68 5.77
CA GLN A 59 25.18 -2.05 4.36
C GLN A 59 24.70 -0.89 3.50
N LEU A 60 23.73 -0.12 3.99
CA LEU A 60 23.25 1.05 3.24
C LEU A 60 24.38 2.03 2.99
N GLN A 61 25.13 2.36 4.04
CA GLN A 61 26.24 3.31 3.91
C GLN A 61 27.31 2.75 2.97
N ALA A 62 27.67 1.48 3.13
CA ALA A 62 28.67 0.86 2.27
C ALA A 62 28.25 0.95 0.81
N SER A 63 27.02 0.53 0.51
CA SER A 63 26.52 0.59 -0.87
C SER A 63 26.44 2.01 -1.39
N LEU A 64 26.15 2.97 -0.50
CA LEU A 64 26.12 4.37 -0.90
C LEU A 64 27.47 4.83 -1.44
N SER A 65 28.56 4.44 -0.79
CA SER A 65 29.89 4.77 -1.30
C SER A 65 30.05 4.38 -2.76
N VAL A 66 29.73 3.12 -3.08
CA VAL A 66 29.90 2.62 -4.43
C VAL A 66 28.98 3.36 -5.38
N ALA A 67 27.71 3.52 -4.99
CA ALA A 67 26.77 4.25 -5.84
C ALA A 67 27.28 5.65 -6.13
N LEU A 68 27.90 6.29 -5.13
CA LEU A 68 28.46 7.61 -5.34
C LEU A 68 29.65 7.58 -6.28
N ASP A 69 30.51 6.57 -6.14
CA ASP A 69 31.57 6.42 -7.14
C ASP A 69 30.99 6.36 -8.55
N ARG A 70 29.84 5.70 -8.72
CA ARG A 70 29.28 5.59 -10.07
C ARG A 70 28.55 6.86 -10.50
N PHE A 71 27.80 7.49 -9.60
CA PHE A 71 27.21 8.80 -9.86
C PHE A 71 28.04 9.91 -9.24
N TYR A 72 29.27 10.09 -9.73
CA TYR A 72 30.27 10.92 -9.06
C TYR A 72 29.87 12.38 -8.88
N PRO A 73 29.08 12.98 -9.78
CA PRO A 73 28.69 14.38 -9.57
C PRO A 73 28.01 14.62 -8.23
N LEU A 74 27.25 13.64 -7.73
CA LEU A 74 26.57 13.80 -6.45
C LEU A 74 27.52 13.89 -5.28
N ALA A 75 28.79 13.53 -5.48
CA ALA A 75 29.80 13.58 -4.43
C ALA A 75 30.70 14.81 -4.53
N GLY A 76 30.49 15.66 -5.52
CA GLY A 76 31.33 16.82 -5.73
C GLY A 76 30.87 18.01 -4.91
N ARG A 77 31.32 19.19 -5.34
CA ARG A 77 30.98 20.42 -4.65
C ARG A 77 30.85 21.55 -5.67
N LEU A 78 30.01 22.51 -5.36
CA LEU A 78 29.99 23.74 -6.13
C LEU A 78 31.25 24.54 -5.87
N VAL A 79 31.75 25.17 -6.92
CA VAL A 79 32.87 26.10 -6.84
C VAL A 79 32.40 27.44 -7.41
N LYS A 80 32.68 28.50 -6.66
CA LYS A 80 32.31 29.87 -7.02
C LYS A 80 33.56 30.67 -7.32
N LEU A 81 33.60 31.26 -8.51
CA LEU A 81 34.71 32.09 -8.94
C LEU A 81 34.22 33.52 -9.07
N LYS A 82 35.09 34.43 -8.66
CA LYS A 82 34.88 35.85 -8.80
C LYS A 82 35.60 36.30 -10.04
N ASN A 83 34.90 36.84 -11.00
CA ASN A 83 35.54 37.33 -12.20
C ASN A 83 36.05 38.76 -12.04
N ASP A 84 36.77 39.23 -13.05
CA ASP A 84 37.34 40.58 -13.01
C ASP A 84 36.34 41.65 -13.41
N ASP A 85 35.20 41.27 -13.99
CA ASP A 85 34.16 42.22 -14.38
C ASP A 85 33.12 42.43 -13.28
N ASP A 86 33.46 42.11 -12.04
CA ASP A 86 32.56 42.32 -10.91
C ASP A 86 31.51 41.22 -10.80
N THR A 87 31.47 40.27 -11.74
CA THR A 87 30.49 39.19 -11.71
C THR A 87 31.09 37.95 -11.06
N VAL A 88 30.29 36.89 -10.98
CA VAL A 88 30.76 35.62 -10.46
C VAL A 88 30.33 34.52 -11.42
N SER A 89 30.93 33.34 -11.23
CA SER A 89 30.44 32.19 -11.96
C SER A 89 30.56 30.96 -11.08
N PHE A 90 29.85 29.92 -11.50
CA PHE A 90 29.69 28.71 -10.72
C PHE A 90 29.95 27.49 -11.60
N PHE A 91 30.58 26.47 -11.02
CA PHE A 91 30.63 25.18 -11.69
C PHE A 91 30.65 24.08 -10.63
N ILE A 92 30.58 22.84 -11.08
CA ILE A 92 30.60 21.68 -10.20
C ILE A 92 31.94 20.98 -10.36
N SER A 93 32.60 20.81 -9.25
CA SER A 93 33.86 20.15 -9.20
C SER A 93 33.62 18.77 -8.67
N CYS A 94 33.85 17.77 -9.48
CA CYS A 94 33.66 16.41 -9.06
C CYS A 94 34.87 15.86 -8.29
N ASP A 95 35.07 16.37 -7.11
CA ASP A 95 36.20 16.10 -6.31
C ASP A 95 36.06 15.06 -5.26
N GLY A 96 34.97 14.37 -5.22
CA GLY A 96 34.78 13.32 -4.24
C GLY A 96 34.72 13.78 -2.80
N SER A 97 34.36 15.04 -2.56
CA SER A 97 34.27 15.54 -1.19
C SER A 97 33.37 14.67 -0.32
N GLY A 98 32.34 14.07 -0.90
CA GLY A 98 31.51 13.12 -0.19
C GLY A 98 30.13 13.69 0.16
N VAL A 99 29.31 12.81 0.69
CA VAL A 99 27.90 13.09 0.96
C VAL A 99 27.67 13.05 2.46
N GLU A 100 26.92 14.02 2.97
CA GLU A 100 26.55 14.03 4.38
C GLU A 100 25.52 12.93 4.66
N PHE A 101 25.81 12.12 5.66
CA PHE A 101 25.01 10.94 5.99
C PHE A 101 24.65 10.99 7.47
N VAL A 102 23.36 11.01 7.76
CA VAL A 102 22.88 11.16 9.13
C VAL A 102 22.08 9.93 9.51
N HIS A 103 22.43 9.36 10.65
CA HIS A 103 21.71 8.23 11.24
C HIS A 103 20.99 8.74 12.48
N ALA A 104 19.67 8.60 12.48
CA ALA A 104 18.81 9.09 13.55
C ALA A 104 17.77 8.03 13.89
N VAL A 105 17.09 8.24 15.01
CA VAL A 105 16.08 7.31 15.50
C VAL A 105 14.92 8.11 16.08
N ALA A 106 13.70 7.76 15.68
CA ALA A 106 12.46 8.32 16.23
C ALA A 106 11.65 7.15 16.78
N LYS A 107 11.92 6.80 18.04
CA LYS A 107 11.46 5.53 18.57
C LYS A 107 9.94 5.46 18.70
N ASN A 108 9.27 6.61 18.78
CA ASN A 108 7.83 6.63 18.97
C ASN A 108 7.04 6.81 17.68
N ILE A 109 7.72 7.03 16.56
CA ILE A 109 7.05 7.17 15.27
C ILE A 109 6.94 5.80 14.62
N GLU A 110 5.78 5.49 14.08
CA GLU A 110 5.51 4.20 13.48
C GLU A 110 5.04 4.37 12.04
N LEU A 111 4.96 3.24 11.34
CA LEU A 111 4.64 3.25 9.91
C LEU A 111 3.38 4.05 9.62
N SER A 112 2.37 3.93 10.48
CA SER A 112 1.11 4.60 10.13
C SER A 112 1.25 6.11 10.20
N ASP A 113 2.14 6.67 11.03
CA ASP A 113 2.32 8.11 11.05
C ASP A 113 2.81 8.65 9.71
N VAL A 114 3.69 7.91 9.05
CA VAL A 114 4.22 8.33 7.76
C VAL A 114 3.26 7.99 6.62
N LEU A 115 2.60 6.83 6.71
CA LEU A 115 1.67 6.43 5.66
C LEU A 115 0.50 7.41 5.58
N GLU A 116 0.02 7.87 6.73
CA GLU A 116 -1.15 8.73 6.80
C GLU A 116 -0.81 10.20 7.01
N LEU A 117 0.45 10.55 7.24
CA LEU A 117 0.89 11.92 7.50
C LEU A 117 0.05 12.53 8.58
N SER A 118 0.05 11.80 9.70
CA SER A 118 -0.76 12.10 10.88
C SER A 118 -0.61 13.45 11.58
N GLY A 119 0.46 14.20 11.32
CA GLY A 119 0.55 15.44 12.02
C GLY A 119 0.18 16.62 11.20
N SER A 120 0.57 17.78 11.66
CA SER A 120 0.38 18.98 10.89
C SER A 120 1.76 19.46 10.41
N VAL A 121 1.87 20.61 9.80
CA VAL A 121 3.18 21.03 9.33
C VAL A 121 3.83 22.06 10.23
N PRO A 122 5.10 21.87 10.63
CA PRO A 122 6.01 20.84 10.11
C PRO A 122 5.85 19.51 10.83
N GLY A 123 5.34 19.54 12.06
CA GLY A 123 5.15 18.33 12.80
C GLY A 123 6.43 17.52 12.92
N PHE A 124 6.27 16.21 13.06
CA PHE A 124 7.42 15.33 13.24
C PHE A 124 8.16 15.06 11.92
N PHE A 125 7.43 14.97 10.81
CA PHE A 125 8.00 14.41 9.60
C PHE A 125 9.12 15.28 9.02
N ALA A 126 9.03 16.60 9.20
CA ALA A 126 10.07 17.48 8.68
C ALA A 126 11.45 17.06 9.17
N SER A 127 11.53 16.57 10.40
CA SER A 127 12.79 16.18 11.03
C SER A 127 13.43 15.00 10.34
N PHE A 128 12.69 14.27 9.52
CA PHE A 128 13.20 13.10 8.83
C PHE A 128 14.06 13.44 7.62
N PHE A 129 14.18 14.71 7.27
CA PHE A 129 14.91 15.12 6.08
C PHE A 129 16.09 16.00 6.45
N PRO A 130 17.22 15.84 5.77
CA PRO A 130 18.47 16.42 6.26
C PRO A 130 18.85 17.77 5.66
N ALA A 131 18.14 18.23 4.63
CA ALA A 131 18.53 19.41 3.88
C ALA A 131 17.57 20.57 4.06
N THR A 132 16.82 20.58 5.16
CA THR A 132 15.88 21.66 5.40
C THR A 132 16.62 22.97 5.61
N GLY A 133 16.25 23.98 4.84
CA GLY A 133 16.89 25.28 4.92
C GLY A 133 18.12 25.45 4.06
N ILE A 134 18.61 24.39 3.43
CA ILE A 134 19.79 24.46 2.60
C ILE A 134 19.41 24.98 1.22
N LYS A 135 20.14 25.98 0.74
CA LYS A 135 19.95 26.54 -0.59
C LYS A 135 21.02 25.99 -1.53
N ASN A 136 20.69 25.96 -2.82
CA ASN A 136 21.58 25.32 -3.78
C ASN A 136 22.97 25.94 -3.78
N TYR A 137 23.06 27.26 -3.64
CA TYR A 137 24.38 27.88 -3.66
C TYR A 137 25.17 27.57 -2.39
N HIS A 138 24.54 26.96 -1.39
CA HIS A 138 25.29 26.44 -0.25
C HIS A 138 26.10 25.20 -0.61
N GLY A 139 25.97 24.70 -1.83
CA GLY A 139 26.73 23.55 -2.27
C GLY A 139 28.23 23.77 -2.37
N VAL A 140 28.71 24.99 -2.13
CA VAL A 140 30.14 25.22 -2.11
C VAL A 140 30.76 24.61 -0.86
N SER A 141 29.98 24.46 0.21
CA SER A 141 30.47 23.91 1.46
C SER A 141 29.62 22.78 2.01
N ARG A 142 28.44 22.53 1.47
CA ARG A 142 27.60 21.40 1.85
C ARG A 142 27.50 20.44 0.68
N SER A 143 27.26 19.17 1.01
CA SER A 143 27.20 18.16 -0.04
C SER A 143 26.02 18.40 -0.97
N LEU A 144 26.21 18.03 -2.24
CA LEU A 144 25.15 18.17 -3.23
C LEU A 144 24.03 17.15 -3.03
N LEU A 145 24.30 16.11 -2.24
CA LEU A 145 23.30 15.14 -1.82
C LEU A 145 23.46 14.92 -0.33
N MET A 146 22.34 14.89 0.38
CA MET A 146 22.33 14.60 1.81
C MET A 146 21.36 13.46 2.07
N VAL A 147 21.76 12.54 2.95
CA VAL A 147 20.99 11.35 3.25
C VAL A 147 20.79 11.26 4.75
N GLN A 148 19.58 10.88 5.15
CA GLN A 148 19.24 10.64 6.55
C GLN A 148 18.43 9.36 6.63
N VAL A 149 18.95 8.38 7.37
CA VAL A 149 18.23 7.14 7.65
C VAL A 149 17.71 7.25 9.07
N THR A 150 16.40 7.17 9.22
CA THR A 150 15.73 7.36 10.50
C THR A 150 15.03 6.07 10.88
N GLU A 151 15.51 5.45 11.96
CA GLU A 151 14.87 4.25 12.49
C GLU A 151 13.58 4.64 13.20
N MET A 152 12.51 3.92 12.90
CA MET A 152 11.22 4.15 13.53
C MET A 152 10.90 2.97 14.45
N LYS A 153 9.75 3.07 15.12
CA LYS A 153 9.34 1.99 16.00
C LYS A 153 9.25 0.67 15.26
N ASP A 154 8.69 0.68 14.05
CA ASP A 154 8.43 -0.54 13.29
C ASP A 154 8.85 -0.40 11.83
N GLY A 155 9.86 0.42 11.55
CA GLY A 155 10.29 0.61 10.18
C GLY A 155 11.48 1.53 10.12
N VAL A 156 11.83 1.91 8.90
CA VAL A 156 12.97 2.79 8.64
C VAL A 156 12.64 3.68 7.46
N PHE A 157 12.98 4.96 7.58
CA PHE A 157 12.75 5.92 6.51
C PHE A 157 14.09 6.40 5.98
N ILE A 158 14.25 6.38 4.66
CA ILE A 158 15.43 6.92 4.01
C ILE A 158 15.01 8.21 3.32
N GLY A 159 15.44 9.34 3.86
CA GLY A 159 15.16 10.64 3.27
C GLY A 159 16.43 11.20 2.66
N PHE A 160 16.28 11.95 1.58
CA PHE A 160 17.41 12.59 0.94
C PHE A 160 17.00 13.97 0.44
N GLY A 161 17.98 14.84 0.42
CA GLY A 161 17.83 16.16 -0.18
C GLY A 161 18.93 16.37 -1.20
N TYR A 162 18.56 17.00 -2.30
CA TYR A 162 19.52 17.16 -3.38
C TYR A 162 19.46 18.58 -3.95
N ASN A 163 20.59 18.95 -4.50
CA ASN A 163 20.82 20.24 -5.09
C ASN A 163 20.34 20.24 -6.50
N SER A 164 19.34 21.07 -6.80
CA SER A 164 18.78 21.13 -8.15
C SER A 164 19.77 21.41 -9.30
N THR A 165 20.84 22.14 -9.02
CA THR A 165 21.80 22.48 -10.01
C THR A 165 22.58 21.32 -10.50
N VAL A 166 22.56 20.22 -9.78
CA VAL A 166 23.29 19.06 -10.17
C VAL A 166 22.45 17.95 -10.78
N ALA A 167 21.16 17.90 -10.47
CA ALA A 167 20.31 16.84 -10.96
C ALA A 167 18.85 17.25 -10.87
N ASP A 168 18.03 16.69 -11.75
CA ASP A 168 16.60 16.78 -11.66
C ASP A 168 16.06 15.50 -11.01
N ALA A 169 14.74 15.44 -10.86
CA ALA A 169 14.13 14.28 -10.21
C ALA A 169 14.43 12.99 -10.96
N THR A 170 14.46 13.05 -12.29
CA THR A 170 14.74 11.86 -13.08
C THR A 170 16.11 11.28 -12.73
N SER A 171 17.14 12.13 -12.74
CA SER A 171 18.49 11.65 -12.44
C SER A 171 18.60 11.18 -11.00
N ILE A 172 17.95 11.87 -10.07
CA ILE A 172 18.01 11.46 -8.67
C ILE A 172 17.38 10.10 -8.48
N TRP A 173 16.24 9.85 -9.12
CA TRP A 173 15.61 8.55 -8.99
C TRP A 173 16.42 7.46 -9.68
N LYS A 174 17.10 7.79 -10.79
CA LYS A 174 18.02 6.81 -11.37
C LYS A 174 19.13 6.46 -10.39
N PHE A 175 19.68 7.48 -9.70
CA PHE A 175 20.68 7.23 -8.68
C PHE A 175 20.15 6.33 -7.58
N ILE A 176 18.92 6.60 -7.13
CA ILE A 176 18.33 5.79 -6.06
C ILE A 176 18.15 4.35 -6.52
N ASN A 177 17.69 4.16 -7.76
CA ASN A 177 17.56 2.81 -8.30
C ASN A 177 18.89 2.08 -8.28
N ALA A 178 19.96 2.74 -8.76
CA ALA A 178 21.26 2.09 -8.78
C ALA A 178 21.75 1.79 -7.37
N TRP A 179 21.57 2.74 -6.44
CA TRP A 179 21.96 2.53 -5.06
C TRP A 179 21.26 1.32 -4.47
N SER A 180 19.95 1.21 -4.69
CA SER A 180 19.18 0.09 -4.17
C SER A 180 19.64 -1.26 -4.73
N GLU A 181 19.92 -1.27 -6.03
CA GLU A 181 20.36 -2.45 -6.72
C GLU A 181 21.68 -2.92 -6.13
N ILE A 182 22.59 -2.01 -5.93
CA ILE A 182 23.85 -2.30 -5.35
C ILE A 182 23.73 -2.85 -3.95
N CYS A 183 22.95 -2.22 -3.12
CA CYS A 183 22.75 -2.67 -1.79
C CYS A 183 22.14 -4.06 -1.73
N SER A 184 21.25 -4.37 -2.66
CA SER A 184 20.57 -5.66 -2.70
C SER A 184 21.53 -6.82 -3.00
N LYS A 185 22.28 -6.69 -4.10
CA LYS A 185 23.23 -7.71 -4.51
C LYS A 185 24.42 -7.79 -3.57
N ASP A 186 25.38 -6.91 -3.77
CA ASP A 186 26.59 -6.87 -2.94
C ASP A 186 27.05 -5.45 -2.69
N SER A 187 27.17 -5.08 -1.41
CA SER A 187 27.60 -3.74 -1.04
C SER A 187 28.89 -3.19 -1.56
N SER A 188 29.78 -4.06 -2.00
CA SER A 188 31.02 -3.65 -2.60
C SER A 188 30.80 -3.35 -4.04
N GLY A 189 29.67 -3.70 -4.62
CA GLY A 189 29.44 -3.45 -6.03
C GLY A 189 30.03 -4.50 -6.95
N SER A 190 30.72 -5.50 -6.40
CA SER A 190 31.29 -6.62 -7.14
C SER A 190 30.28 -7.23 -8.11
N GLN A 191 29.08 -7.43 -7.58
CA GLN A 191 28.10 -8.22 -8.31
C GLN A 191 27.06 -7.36 -9.03
N THR A 192 27.30 -6.07 -9.14
CA THR A 192 26.40 -5.16 -9.85
C THR A 192 27.13 -4.52 -11.02
N PHE A 193 26.52 -4.59 -12.20
CA PHE A 193 27.15 -4.07 -13.40
C PHE A 193 27.37 -2.58 -13.29
N GLN A 194 28.63 -2.16 -13.48
CA GLN A 194 28.98 -0.75 -13.48
C GLN A 194 28.85 -0.19 -14.88
N ARG A 195 28.20 0.94 -15.01
CA ARG A 195 28.03 1.58 -16.28
C ARG A 195 28.58 2.98 -16.29
N ARG A 196 29.07 3.40 -17.41
CA ARG A 196 29.56 4.75 -17.61
C ARG A 196 28.42 5.75 -17.46
N LEU A 197 28.64 6.81 -16.69
CA LEU A 197 27.65 7.87 -16.53
C LEU A 197 27.65 8.83 -17.70
N HIS A 198 26.52 8.90 -18.42
CA HIS A 198 26.36 9.82 -19.54
C HIS A 198 25.81 11.13 -19.01
N LEU A 199 26.62 12.18 -19.06
CA LEU A 199 26.23 13.49 -18.57
C LEU A 199 25.45 14.27 -19.63
N LYS A 200 24.56 15.15 -19.17
CA LYS A 200 23.78 15.94 -20.10
C LYS A 200 24.66 16.82 -20.98
N GLY A 201 25.77 17.32 -20.44
CA GLY A 201 26.65 18.14 -21.23
C GLY A 201 26.13 19.55 -21.40
N TRP A 202 26.56 20.20 -22.49
CA TRP A 202 26.21 21.57 -22.80
C TRP A 202 25.48 21.60 -24.13
N PHE A 203 24.17 21.81 -24.08
CA PHE A 203 23.34 21.83 -25.29
C PHE A 203 23.00 23.26 -25.73
N PHE A 204 23.66 24.27 -25.17
CA PHE A 204 23.46 25.66 -25.57
C PHE A 204 24.64 26.10 -26.43
N ASP A 205 24.52 25.83 -27.74
CA ASP A 205 25.63 26.06 -28.65
C ASP A 205 26.12 27.50 -28.62
N GLU A 206 25.20 28.46 -28.53
CA GLU A 206 25.69 29.83 -28.68
C GLU A 206 25.83 30.56 -27.35
N ILE A 207 26.05 29.80 -26.29
CA ILE A 207 26.33 30.35 -24.97
C ILE A 207 27.64 29.76 -24.47
N ASP A 208 28.56 30.65 -24.09
CA ASP A 208 29.87 30.24 -23.57
C ASP A 208 29.81 30.09 -22.06
N TYR A 209 30.62 29.17 -21.54
CA TYR A 209 30.72 28.97 -20.11
C TYR A 209 32.14 29.24 -19.63
N PRO A 210 32.33 29.60 -18.36
CA PRO A 210 31.24 29.75 -17.40
C PRO A 210 30.45 31.04 -17.62
N ILE A 211 29.18 31.03 -17.26
CA ILE A 211 28.32 32.18 -17.46
C ILE A 211 28.56 33.18 -16.32
N HIS A 212 28.77 34.44 -16.69
CA HIS A 212 28.95 35.50 -15.71
C HIS A 212 27.59 35.99 -15.23
N ILE A 213 27.38 35.96 -13.92
CA ILE A 213 26.12 36.42 -13.34
C ILE A 213 26.43 37.31 -12.15
N PRO A 214 25.49 38.17 -11.78
CA PRO A 214 25.67 38.97 -10.56
C PRO A 214 25.77 38.05 -9.34
N ASP A 215 26.59 38.47 -8.39
CA ASP A 215 26.79 37.68 -7.18
C ASP A 215 25.45 37.44 -6.49
N PRO A 216 24.99 36.20 -6.37
CA PRO A 216 23.71 35.95 -5.69
C PRO A 216 23.75 36.19 -4.20
N GLU A 217 24.94 36.36 -3.61
CA GLU A 217 25.01 36.55 -2.16
C GLU A 217 24.45 37.91 -1.75
N THR A 218 24.62 38.93 -2.59
CA THR A 218 24.11 40.27 -2.32
C THR A 218 22.91 40.63 -3.18
N LYS A 219 22.30 39.65 -3.83
CA LYS A 219 21.22 39.91 -4.76
C LYS A 219 19.90 40.12 -4.01
N PRO A 220 19.12 41.12 -4.39
CA PRO A 220 17.86 41.39 -3.69
C PRO A 220 16.84 40.28 -3.90
N THR A 221 15.86 40.24 -3.00
CA THR A 221 14.81 39.24 -3.06
C THR A 221 14.04 39.34 -4.37
N SER A 222 13.59 38.19 -4.86
CA SER A 222 12.80 38.05 -6.08
C SER A 222 11.34 37.75 -5.83
N TYR A 223 11.05 37.00 -4.75
CA TYR A 223 9.73 36.50 -4.44
C TYR A 223 9.31 36.99 -3.07
N VAL A 224 8.00 37.05 -2.84
CA VAL A 224 7.44 37.37 -1.53
C VAL A 224 6.66 36.16 -1.05
N THR A 225 6.91 35.74 0.19
CA THR A 225 6.20 34.60 0.73
C THR A 225 5.48 35.00 2.01
N THR A 226 4.40 34.28 2.28
CA THR A 226 3.64 34.58 3.48
C THR A 226 3.45 33.31 4.28
N PRO A 227 4.13 33.27 5.43
CA PRO A 227 4.09 32.07 6.26
C PRO A 227 2.69 31.77 6.76
N THR A 228 2.37 30.49 6.88
CA THR A 228 1.07 30.07 7.40
C THR A 228 1.15 28.61 7.78
N ASN A 229 0.20 28.21 8.62
CA ASN A 229 0.08 26.81 8.99
C ASN A 229 -0.52 26.02 7.84
N LEU A 230 -0.01 24.82 7.64
CA LEU A 230 -0.43 23.99 6.51
C LEU A 230 -0.66 22.57 7.00
N GLN A 231 -1.37 21.80 6.18
CA GLN A 231 -1.69 20.42 6.47
C GLN A 231 -1.44 19.59 5.22
N GLU A 232 -0.84 18.43 5.40
CA GLU A 232 -0.60 17.50 4.30
C GLU A 232 -1.59 16.36 4.36
N LYS A 233 -2.08 15.95 3.21
CA LYS A 233 -2.98 14.87 3.09
C LYS A 233 -2.61 13.99 1.90
N MET A 234 -2.84 12.71 2.00
CA MET A 234 -2.60 11.79 0.93
C MET A 234 -3.90 11.56 0.17
N PHE A 235 -3.88 11.68 -1.13
CA PHE A 235 -5.03 11.44 -1.96
C PHE A 235 -4.75 10.21 -2.83
N HIS A 236 -5.70 9.32 -2.98
CA HIS A 236 -5.54 8.15 -3.83
C HIS A 236 -6.60 8.17 -4.92
N VAL A 237 -6.18 7.90 -6.16
CA VAL A 237 -7.07 7.83 -7.29
C VAL A 237 -6.90 6.45 -7.92
N THR A 238 -7.97 5.66 -7.91
CA THR A 238 -7.94 4.31 -8.43
C THR A 238 -7.92 4.32 -9.95
N LYS A 239 -7.52 3.17 -10.52
CA LYS A 239 -7.56 2.99 -11.96
C LYS A 239 -8.93 3.37 -12.53
N GLU A 240 -9.97 2.84 -11.91
CA GLU A 240 -11.35 3.09 -12.35
C GLU A 240 -11.70 4.57 -12.39
N ASN A 241 -11.28 5.32 -11.38
CA ASN A 241 -11.59 6.74 -11.32
C ASN A 241 -10.67 7.55 -12.22
N VAL A 242 -9.41 7.14 -12.34
CA VAL A 242 -8.53 7.77 -13.33
C VAL A 242 -9.15 7.69 -14.71
N LEU A 243 -9.66 6.51 -15.08
CA LEU A 243 -10.23 6.34 -16.40
C LEU A 243 -11.54 7.13 -16.55
N LYS A 244 -12.34 7.20 -15.49
CA LYS A 244 -13.55 8.01 -15.55
C LYS A 244 -13.22 9.47 -15.80
N LEU A 245 -12.26 10.01 -15.06
CA LEU A 245 -11.87 11.41 -15.25
C LEU A 245 -11.28 11.62 -16.63
N ASP A 246 -10.48 10.67 -17.11
CA ASP A 246 -9.95 10.76 -18.46
C ASP A 246 -11.08 10.85 -19.49
N ALA A 247 -12.06 9.95 -19.38
CA ALA A 247 -13.16 9.93 -20.33
C ALA A 247 -13.94 11.24 -20.29
N LYS A 248 -14.23 11.74 -19.08
CA LYS A 248 -14.97 12.98 -18.96
C LYS A 248 -14.20 14.16 -19.58
N ALA A 249 -12.91 14.27 -19.25
CA ALA A 249 -12.11 15.36 -19.78
C ALA A 249 -12.03 15.30 -21.30
N ASN A 250 -11.76 14.13 -21.87
CA ASN A 250 -11.73 14.01 -23.32
C ASN A 250 -13.10 14.22 -23.94
N ASP A 251 -14.17 13.99 -23.17
CA ASP A 251 -15.51 14.27 -23.67
C ASP A 251 -15.75 15.77 -23.76
N GLU A 252 -15.12 16.56 -22.89
CA GLU A 252 -15.26 18.00 -22.94
C GLU A 252 -14.08 18.72 -23.60
N ALA A 253 -13.15 17.98 -24.20
CA ALA A 253 -11.92 18.58 -24.72
C ALA A 253 -11.84 18.42 -26.24
N ASP A 254 -11.25 19.43 -26.88
CA ASP A 254 -11.03 19.39 -28.32
C ASP A 254 -9.80 18.55 -28.68
N GLN A 255 -8.74 18.67 -27.90
CA GLN A 255 -7.51 17.93 -28.10
C GLN A 255 -7.51 16.67 -27.24
N LYS A 256 -6.61 15.75 -27.56
CA LYS A 256 -6.46 14.53 -26.78
C LYS A 256 -5.85 14.87 -25.43
N ILE A 257 -6.50 14.43 -24.36
CA ILE A 257 -6.06 14.69 -22.99
C ILE A 257 -5.59 13.38 -22.38
N SER A 258 -4.45 13.42 -21.72
CA SER A 258 -3.86 12.29 -21.00
C SER A 258 -4.63 12.03 -19.70
N SER A 259 -4.50 10.81 -19.17
CA SER A 259 -5.10 10.50 -17.88
C SER A 259 -4.55 11.42 -16.79
N ILE A 260 -3.22 11.53 -16.70
CA ILE A 260 -2.62 12.36 -15.65
C ILE A 260 -3.07 13.80 -15.80
N GLN A 261 -3.17 14.28 -17.05
CA GLN A 261 -3.64 15.64 -17.26
C GLN A 261 -5.06 15.82 -16.73
N ALA A 262 -5.94 14.85 -16.99
CA ALA A 262 -7.32 14.94 -16.52
C ALA A 262 -7.37 14.96 -15.00
N VAL A 263 -6.62 14.06 -14.34
CA VAL A 263 -6.66 14.01 -12.89
C VAL A 263 -6.10 15.30 -12.28
N LEU A 264 -5.00 15.80 -12.83
CA LEU A 264 -4.43 17.05 -12.34
C LEU A 264 -5.41 18.20 -12.51
N ALA A 265 -6.08 18.27 -13.66
CA ALA A 265 -7.06 19.33 -13.88
C ALA A 265 -8.20 19.23 -12.88
N TYR A 266 -8.67 18.01 -12.62
CA TYR A 266 -9.74 17.83 -11.64
C TYR A 266 -9.31 18.33 -10.27
N ILE A 267 -8.10 17.95 -9.84
CA ILE A 267 -7.63 18.38 -8.53
C ILE A 267 -7.44 19.89 -8.48
N TRP A 268 -6.94 20.47 -9.57
CA TRP A 268 -6.77 21.91 -9.65
C TRP A 268 -8.09 22.64 -9.47
N ARG A 269 -9.10 22.23 -10.25
CA ARG A 269 -10.42 22.84 -10.12
C ARG A 269 -10.97 22.66 -8.71
N SER A 270 -10.81 21.48 -8.13
CA SER A 270 -11.39 21.24 -6.81
C SER A 270 -10.69 22.08 -5.75
N MET A 271 -9.39 22.25 -5.83
CA MET A 271 -8.69 23.11 -4.87
C MET A 271 -9.11 24.57 -5.03
N VAL A 272 -9.16 25.06 -6.27
CA VAL A 272 -9.55 26.44 -6.49
C VAL A 272 -10.97 26.68 -6.00
N LYS A 273 -11.85 25.70 -6.21
CA LYS A 273 -13.24 25.82 -5.80
C LYS A 273 -13.38 26.13 -4.32
N HIS A 274 -12.48 25.61 -3.50
CA HIS A 274 -12.57 25.77 -2.04
C HIS A 274 -11.50 26.69 -1.48
N SER A 275 -10.78 27.41 -2.34
CA SER A 275 -9.69 28.26 -1.88
C SER A 275 -10.17 29.61 -1.36
N GLY A 276 -11.43 29.96 -1.58
CA GLY A 276 -11.94 31.23 -1.11
C GLY A 276 -11.44 32.43 -1.89
N MET A 277 -10.91 32.23 -3.07
CA MET A 277 -10.38 33.32 -3.86
C MET A 277 -11.48 33.99 -4.60
N SER A 278 -11.22 35.19 -5.04
CA SER A 278 -12.22 35.89 -5.78
C SER A 278 -12.10 35.60 -7.24
N ARG A 279 -13.19 35.65 -7.97
CA ARG A 279 -13.21 35.33 -9.38
C ARG A 279 -12.15 35.96 -10.32
N GLU A 280 -11.73 37.18 -10.02
CA GLU A 280 -10.76 37.89 -10.84
C GLU A 280 -9.33 37.54 -10.50
N GLU A 281 -9.12 36.75 -9.45
CA GLU A 281 -7.80 36.38 -9.07
C GLU A 281 -7.15 35.43 -10.04
N GLU A 282 -5.85 35.52 -10.14
CA GLU A 282 -5.09 34.65 -11.02
C GLU A 282 -4.69 33.38 -10.30
N THR A 283 -4.86 32.25 -10.97
CA THR A 283 -4.40 30.97 -10.46
C THR A 283 -3.56 30.28 -11.54
N HIS A 284 -2.55 29.55 -11.08
CA HIS A 284 -1.60 28.91 -11.97
C HIS A 284 -1.48 27.43 -11.62
N CYS A 285 -1.17 26.65 -12.66
CA CYS A 285 -0.74 25.27 -12.44
C CYS A 285 0.70 25.17 -12.93
N ARG A 286 1.55 24.78 -11.99
CA ARG A 286 2.98 24.63 -12.23
C ARG A 286 3.30 23.16 -12.39
N LEU A 287 4.04 22.82 -13.46
CA LEU A 287 4.25 21.44 -13.84
C LEU A 287 5.72 21.22 -14.23
N PRO A 288 6.37 20.20 -13.68
CA PRO A 288 7.71 19.86 -14.13
C PRO A 288 7.68 19.26 -15.53
N ILE A 289 8.67 19.63 -16.33
CA ILE A 289 8.76 19.20 -17.72
C ILE A 289 10.15 18.65 -17.95
N ASN A 290 10.23 17.37 -18.32
CA ASN A 290 11.49 16.74 -18.71
C ASN A 290 11.78 17.11 -20.16
N MET A 291 12.81 17.91 -20.38
CA MET A 291 13.11 18.44 -21.70
C MET A 291 14.01 17.54 -22.52
N ARG A 292 14.38 16.37 -22.00
CA ARG A 292 15.35 15.52 -22.68
C ARG A 292 14.89 15.17 -24.10
N GLN A 293 13.62 14.83 -24.27
CA GLN A 293 13.09 14.44 -25.56
C GLN A 293 12.58 15.62 -26.38
N ARG A 294 12.54 16.82 -25.80
CA ARG A 294 12.13 18.04 -26.47
C ARG A 294 13.30 18.76 -27.14
N LEU A 295 14.50 18.55 -26.64
CA LEU A 295 15.68 19.22 -27.19
C LEU A 295 16.02 18.65 -28.55
N ASN A 296 16.73 19.46 -29.34
CA ASN A 296 17.14 19.06 -30.68
C ASN A 296 18.64 19.26 -30.82
N PRO A 297 19.45 18.20 -30.86
CA PRO A 297 18.99 16.80 -30.80
C PRO A 297 18.47 16.39 -29.42
N PRO A 298 17.77 15.31 -29.33
CA PRO A 298 17.25 14.85 -28.07
C PRO A 298 18.25 14.04 -27.31
N LEU A 299 18.11 13.95 -26.00
CA LEU A 299 18.96 13.17 -25.11
C LEU A 299 18.21 11.99 -24.55
N GLU A 300 18.84 11.02 -23.88
CA GLU A 300 18.07 9.90 -23.34
C GLU A 300 17.75 10.07 -21.94
N GLU A 301 16.75 9.33 -21.45
CA GLU A 301 16.35 9.41 -20.06
C GLU A 301 17.51 9.02 -19.14
N GLU A 302 18.58 8.51 -19.73
CA GLU A 302 19.75 8.11 -18.98
C GLU A 302 20.66 9.30 -18.71
N CYS A 303 20.53 10.34 -19.53
CA CYS A 303 21.33 11.54 -19.39
C CYS A 303 21.29 12.05 -17.95
N PHE A 304 22.48 12.27 -17.38
CA PHE A 304 22.58 12.75 -16.00
C PHE A 304 22.70 14.27 -15.92
N GLY A 305 21.89 14.86 -15.03
CA GLY A 305 21.90 16.29 -14.84
C GLY A 305 20.48 16.81 -14.72
N ASN A 306 20.35 18.12 -14.59
CA ASN A 306 19.05 18.76 -14.59
C ASN A 306 18.71 19.18 -16.01
N VAL A 307 17.77 18.47 -16.63
CA VAL A 307 17.32 18.76 -17.98
C VAL A 307 15.83 19.05 -17.94
N SER A 308 15.38 19.64 -16.83
CA SER A 308 13.97 19.88 -16.61
C SER A 308 13.71 21.37 -16.44
N GLN A 309 12.46 21.74 -16.72
CA GLN A 309 11.98 23.11 -16.56
C GLN A 309 10.63 23.08 -15.87
N THR A 310 10.15 24.25 -15.49
CA THR A 310 8.81 24.38 -14.91
C THR A 310 7.92 25.14 -15.89
N GLY A 311 6.86 24.49 -16.35
CA GLY A 311 5.85 25.12 -17.17
C GLY A 311 4.73 25.63 -16.29
N ILE A 312 4.11 26.73 -16.71
CA ILE A 312 3.11 27.42 -15.91
C ILE A 312 1.92 27.74 -16.77
N ALA A 313 0.76 27.21 -16.40
CA ALA A 313 -0.51 27.56 -17.04
C ALA A 313 -1.22 28.58 -16.17
N THR A 314 -1.64 29.69 -16.79
CA THR A 314 -2.24 30.81 -16.07
C THR A 314 -3.69 30.95 -16.49
N VAL A 315 -4.58 31.13 -15.51
CA VAL A 315 -5.99 31.38 -15.77
C VAL A 315 -6.53 32.25 -14.64
N THR A 316 -7.78 32.68 -14.79
CA THR A 316 -8.49 33.33 -13.69
C THR A 316 -9.36 32.31 -12.97
N VAL A 317 -9.52 32.52 -11.67
CA VAL A 317 -10.40 31.66 -10.89
C VAL A 317 -11.76 31.55 -11.55
N GLY A 318 -12.31 32.68 -11.99
CA GLY A 318 -13.62 32.66 -12.64
C GLY A 318 -13.62 31.80 -13.89
N GLU A 319 -12.59 31.94 -14.72
CA GLU A 319 -12.49 31.10 -15.91
C GLU A 319 -12.46 29.63 -15.54
N LEU A 320 -11.59 29.26 -14.60
CA LEU A 320 -11.43 27.86 -14.25
C LEU A 320 -12.74 27.27 -13.71
N LEU A 321 -13.44 28.03 -12.86
CA LEU A 321 -14.65 27.49 -12.25
C LEU A 321 -15.84 27.51 -13.21
N ASP A 322 -15.89 28.49 -14.12
CA ASP A 322 -17.00 28.56 -15.06
C ASP A 322 -16.89 27.53 -16.18
N HIS A 323 -15.67 27.08 -16.48
CA HIS A 323 -15.47 26.05 -17.49
C HIS A 323 -15.42 24.68 -16.84
N GLY A 324 -15.44 23.65 -17.67
CA GLY A 324 -15.47 22.28 -17.21
C GLY A 324 -14.08 21.68 -17.04
N LEU A 325 -14.08 20.38 -16.77
CA LEU A 325 -12.82 19.65 -16.57
C LEU A 325 -11.97 19.67 -17.83
N GLY A 326 -12.60 19.40 -18.97
CA GLY A 326 -11.85 19.37 -20.22
C GLY A 326 -11.09 20.66 -20.48
N TRP A 327 -11.67 21.80 -20.11
CA TRP A 327 -11.02 23.08 -20.38
C TRP A 327 -9.75 23.24 -19.56
N ALA A 328 -9.80 22.89 -18.27
CA ALA A 328 -8.59 22.95 -17.45
C ALA A 328 -7.54 21.96 -17.94
N ALA A 329 -7.98 20.75 -18.30
CA ALA A 329 -7.05 19.78 -18.87
C ALA A 329 -6.38 20.34 -20.12
N MET A 330 -7.15 21.06 -20.94
CA MET A 330 -6.59 21.65 -22.15
C MET A 330 -5.61 22.75 -21.81
N GLN A 331 -5.87 23.52 -20.77
CA GLN A 331 -4.89 24.50 -20.31
C GLN A 331 -3.56 23.82 -19.99
N ILE A 332 -3.63 22.74 -19.22
CA ILE A 332 -2.40 22.02 -18.86
C ILE A 332 -1.72 21.47 -20.11
N ASN A 333 -2.48 20.85 -20.99
CA ASN A 333 -1.92 20.24 -22.19
C ASN A 333 -1.25 21.29 -23.08
N ASN A 334 -1.92 22.43 -23.28
CA ASN A 334 -1.33 23.50 -24.07
C ASN A 334 -0.04 23.99 -23.44
N MET A 335 -0.03 24.21 -22.13
CA MET A 335 1.21 24.62 -21.48
C MET A 335 2.31 23.60 -21.74
N GLU A 336 1.97 22.32 -21.72
CA GLU A 336 2.98 21.29 -21.92
C GLU A 336 3.50 21.30 -23.36
N LEU A 337 2.62 21.46 -24.33
CA LEU A 337 2.89 21.48 -25.76
C LEU A 337 3.85 22.59 -26.17
N SER A 338 3.72 23.73 -25.49
CA SER A 338 4.41 24.95 -25.90
C SER A 338 5.89 24.95 -25.56
N GLN A 339 6.39 23.94 -24.86
CA GLN A 339 7.79 23.89 -24.49
C GLN A 339 8.59 23.32 -25.66
N THR A 340 9.28 24.19 -26.38
CA THR A 340 10.02 23.80 -27.58
C THR A 340 11.51 24.06 -27.41
N ASP A 341 12.30 23.40 -28.27
CA ASP A 341 13.75 23.58 -28.23
C ASP A 341 14.15 25.00 -28.64
N GLU A 342 13.53 25.51 -29.69
CA GLU A 342 13.87 26.86 -30.17
C GLU A 342 13.62 27.90 -29.09
N LYS A 343 12.47 27.81 -28.42
CA LYS A 343 12.16 28.78 -27.38
C LYS A 343 13.09 28.63 -26.18
N ALA A 344 13.44 27.39 -25.82
CA ALA A 344 14.38 27.21 -24.72
C ALA A 344 15.72 27.84 -25.04
N LYS A 345 16.19 27.63 -26.24
CA LYS A 345 17.44 28.17 -26.68
C LYS A 345 17.40 29.70 -26.65
N ALA A 346 16.38 30.29 -27.22
CA ALA A 346 16.23 31.74 -27.23
C ALA A 346 16.17 32.30 -25.82
N PHE A 347 15.36 31.68 -24.96
CA PHE A 347 15.20 32.18 -23.60
C PHE A 347 16.50 32.10 -22.82
N ALA A 348 17.28 31.04 -23.04
CA ALA A 348 18.57 30.95 -22.35
C ALA A 348 19.52 32.05 -22.84
N GLU A 349 19.63 32.21 -24.16
CA GLU A 349 20.50 33.26 -24.70
C GLU A 349 20.09 34.63 -24.18
N ASN A 350 18.79 34.88 -24.08
CA ASN A 350 18.33 36.16 -23.55
C ASN A 350 18.64 36.29 -22.06
N TRP A 351 18.41 35.21 -21.30
CA TRP A 351 18.68 35.23 -19.87
C TRP A 351 20.13 35.58 -19.58
N VAL A 352 21.05 35.07 -20.41
CA VAL A 352 22.45 35.40 -20.20
C VAL A 352 22.68 36.90 -20.35
N LYS A 353 21.96 37.55 -21.25
CA LYS A 353 22.07 38.98 -21.48
C LYS A 353 21.17 39.79 -20.57
N ASN A 354 20.60 39.18 -19.53
CA ASN A 354 19.70 39.85 -18.60
C ASN A 354 18.46 40.37 -19.32
N ILE A 355 17.97 39.60 -20.29
CA ILE A 355 16.72 39.87 -20.98
C ILE A 355 15.76 38.75 -20.59
N LYS A 356 14.95 38.99 -19.57
CA LYS A 356 14.16 37.95 -18.95
C LYS A 356 12.68 38.30 -19.02
N ILE A 357 11.86 37.27 -18.84
CA ILE A 357 10.41 37.43 -18.73
C ILE A 357 10.03 37.04 -17.31
N PRO A 358 9.55 37.99 -16.48
CA PRO A 358 9.27 37.66 -15.09
C PRO A 358 8.21 36.58 -14.97
N VAL A 359 8.47 35.63 -14.08
CA VAL A 359 7.55 34.54 -13.80
C VAL A 359 6.50 35.03 -12.82
N SER A 360 5.24 34.93 -13.20
CA SER A 360 4.20 35.37 -12.27
C SER A 360 3.46 34.14 -11.76
N VAL A 361 3.58 33.98 -10.45
CA VAL A 361 3.03 32.89 -9.68
C VAL A 361 2.29 33.47 -8.48
N GLY A 362 1.39 32.67 -7.89
CA GLY A 362 0.60 33.10 -6.76
C GLY A 362 0.77 32.15 -5.58
N SER A 363 0.15 32.51 -4.45
CA SER A 363 0.23 31.69 -3.24
C SER A 363 -0.89 30.65 -3.16
N LYS A 364 -1.70 30.57 -4.21
CA LYS A 364 -2.79 29.63 -4.28
C LYS A 364 -2.74 28.84 -5.58
N ASP A 365 -1.53 28.53 -6.06
CA ASP A 365 -1.35 27.76 -7.27
C ASP A 365 -1.42 26.26 -6.98
N LEU A 366 -1.53 25.48 -8.05
CA LEU A 366 -1.31 24.04 -7.99
C LEU A 366 0.13 23.79 -8.40
N VAL A 367 0.95 23.33 -7.45
CA VAL A 367 2.39 23.18 -7.67
C VAL A 367 2.67 21.68 -7.71
N VAL A 368 2.61 21.18 -8.92
CA VAL A 368 2.84 19.80 -9.17
C VAL A 368 4.31 19.51 -9.17
N THR A 369 4.67 18.49 -8.45
CA THR A 369 6.02 18.08 -8.35
C THR A 369 6.11 16.56 -8.40
N ASN A 370 7.28 16.03 -8.68
CA ASN A 370 7.51 14.60 -8.91
C ASN A 370 6.83 14.16 -10.25
N SER A 371 6.68 12.86 -10.50
CA SER A 371 6.11 12.38 -11.76
C SER A 371 5.57 10.97 -11.63
N HIS A 372 4.39 10.77 -12.19
CA HIS A 372 3.77 9.51 -12.22
C HIS A 372 4.59 8.50 -13.02
N ARG A 373 5.62 8.94 -13.70
CA ARG A 373 6.45 8.05 -14.50
C ARG A 373 7.52 7.35 -13.69
N PHE A 374 7.80 7.84 -12.47
CA PHE A 374 8.85 7.27 -11.65
C PHE A 374 8.34 6.03 -10.94
N ASP A 375 9.05 4.91 -11.10
CA ASP A 375 8.73 3.66 -10.41
C ASP A 375 9.43 3.67 -9.06
N VAL A 376 8.74 4.19 -8.05
CA VAL A 376 9.36 4.35 -6.74
C VAL A 376 9.47 3.02 -6.00
N TYR A 377 8.69 2.02 -6.37
CA TYR A 377 8.66 0.75 -5.66
C TYR A 377 9.68 -0.25 -6.16
N CYS A 378 10.45 0.09 -7.19
CA CYS A 378 11.54 -0.76 -7.63
C CYS A 378 12.79 -0.60 -6.76
N ASN A 379 12.75 0.28 -5.76
CA ASN A 379 13.92 0.61 -4.96
C ASN A 379 14.03 -0.33 -3.74
N ASP A 380 14.22 -1.61 -4.03
CA ASP A 380 14.43 -2.62 -3.01
C ASP A 380 15.91 -2.66 -2.68
N PHE A 381 16.25 -2.24 -1.47
CA PHE A 381 17.65 -2.21 -1.04
C PHE A 381 18.16 -3.55 -0.56
N GLY A 382 17.33 -4.59 -0.58
CA GLY A 382 17.77 -5.91 -0.16
C GLY A 382 16.85 -6.55 0.86
N TRP A 383 15.98 -5.74 1.47
CA TRP A 383 15.08 -6.21 2.51
C TRP A 383 13.62 -5.95 2.16
N GLY A 384 13.32 -5.77 0.88
CA GLY A 384 11.95 -5.60 0.43
C GLY A 384 11.73 -4.22 -0.19
N LYS A 385 10.74 -4.17 -1.08
CA LYS A 385 10.35 -2.92 -1.69
C LYS A 385 9.85 -1.94 -0.63
N PRO A 386 9.96 -0.64 -0.89
CA PRO A 386 9.37 0.33 0.02
C PRO A 386 7.85 0.23 0.00
N ILE A 387 7.25 0.68 1.11
CA ILE A 387 5.79 0.69 1.21
C ILE A 387 5.20 2.07 0.95
N ALA A 388 6.04 3.08 0.73
CA ALA A 388 5.55 4.41 0.39
C ALA A 388 6.73 5.29 0.01
N ALA A 389 6.43 6.30 -0.80
CA ALA A 389 7.34 7.38 -1.10
C ALA A 389 6.70 8.68 -0.62
N ARG A 390 7.51 9.57 -0.07
CA ARG A 390 7.01 10.80 0.53
C ARG A 390 7.93 11.96 0.21
N ALA A 391 7.39 13.16 0.29
CA ALA A 391 8.16 14.38 0.12
C ALA A 391 8.33 15.09 1.46
N GLY A 392 9.43 15.81 1.59
CA GLY A 392 9.71 16.56 2.79
C GLY A 392 9.56 18.05 2.58
N PRO A 393 10.16 18.84 3.45
CA PRO A 393 10.14 20.30 3.28
C PRO A 393 11.02 20.71 2.11
N PRO A 394 10.93 21.98 1.68
CA PRO A 394 10.05 22.98 2.28
C PRO A 394 8.60 22.84 1.82
N TYR A 395 7.69 23.42 2.58
CA TYR A 395 6.26 23.31 2.32
C TYR A 395 5.71 24.61 1.74
N LEU A 396 4.63 24.48 0.98
CA LEU A 396 3.94 25.65 0.46
C LEU A 396 2.53 25.23 0.06
N ASN A 397 1.59 26.17 0.21
CA ASN A 397 0.21 25.90 -0.11
C ASN A 397 0.06 25.55 -1.59
N GLY A 398 -0.57 24.41 -1.86
CA GLY A 398 -0.84 23.99 -3.22
C GLY A 398 0.11 22.95 -3.78
N ARG A 399 1.15 22.58 -3.03
CA ARG A 399 2.05 21.54 -3.52
C ARG A 399 1.29 20.23 -3.67
N LEU A 400 1.53 19.56 -4.81
CA LEU A 400 0.92 18.26 -5.09
C LEU A 400 2.01 17.37 -5.65
N VAL A 401 2.53 16.48 -4.81
CA VAL A 401 3.58 15.55 -5.22
C VAL A 401 2.92 14.30 -5.78
N VAL A 402 3.30 13.93 -7.00
CA VAL A 402 2.67 12.83 -7.73
C VAL A 402 3.52 11.57 -7.56
N PHE A 403 2.86 10.46 -7.26
CA PHE A 403 3.51 9.16 -7.11
C PHE A 403 2.71 8.11 -7.86
N LYS A 404 3.42 7.29 -8.63
CA LYS A 404 2.79 6.13 -9.24
C LYS A 404 2.31 5.19 -8.15
N GLY A 405 1.06 4.74 -8.27
CA GLY A 405 0.50 3.88 -7.26
C GLY A 405 1.16 2.52 -7.24
N ILE A 406 0.92 1.79 -6.14
CA ILE A 406 1.36 0.40 -6.05
C ILE A 406 0.86 -0.37 -7.26
N GLY A 407 -0.41 -0.15 -7.62
CA GLY A 407 -0.94 -0.63 -8.88
C GLY A 407 -0.59 0.34 -9.99
N GLU A 408 0.05 -0.17 -11.04
CA GLU A 408 0.50 0.51 -12.25
C GLU A 408 -0.41 1.67 -12.65
N ALA A 409 -1.70 1.37 -12.57
CA ALA A 409 -2.72 2.21 -13.17
C ALA A 409 -3.31 3.23 -12.20
N SER A 410 -2.85 3.26 -10.96
CA SER A 410 -3.40 4.15 -9.94
C SER A 410 -2.42 5.27 -9.63
N LEU A 411 -2.91 6.25 -8.86
CA LEU A 411 -2.12 7.43 -8.54
C LEU A 411 -2.24 7.75 -7.06
N ASP A 412 -1.14 8.24 -6.48
CA ASP A 412 -1.12 8.79 -5.14
C ASP A 412 -0.60 10.21 -5.20
N PHE A 413 -1.17 11.09 -4.39
CA PHE A 413 -0.74 12.48 -4.32
C PHE A 413 -0.51 12.88 -2.87
N GLN A 414 0.61 13.54 -2.62
CA GLN A 414 0.88 14.16 -1.33
C GLN A 414 0.58 15.64 -1.50
N ALA A 415 -0.53 16.11 -0.93
CA ALA A 415 -1.00 17.46 -1.11
C ALA A 415 -0.73 18.28 0.15
N CYS A 416 -0.32 19.53 -0.04
CA CYS A 416 -0.05 20.47 1.04
C CYS A 416 -1.01 21.64 0.88
N LEU A 417 -1.96 21.78 1.80
CA LEU A 417 -3.04 22.76 1.65
C LEU A 417 -3.34 23.41 2.99
N LEU A 418 -4.04 24.53 2.93
CA LEU A 418 -4.52 25.16 4.14
C LEU A 418 -5.52 24.23 4.84
N PRO A 419 -5.51 24.21 6.17
CA PRO A 419 -6.47 23.36 6.90
C PRO A 419 -7.91 23.63 6.52
N GLN A 420 -8.27 24.89 6.28
CA GLN A 420 -9.62 25.21 5.86
C GLN A 420 -9.96 24.54 4.54
N VAL A 421 -9.02 24.57 3.59
CA VAL A 421 -9.26 23.95 2.29
C VAL A 421 -9.40 22.44 2.45
N VAL A 422 -8.60 21.83 3.32
CA VAL A 422 -8.71 20.40 3.57
C VAL A 422 -10.09 20.07 4.15
N GLU A 423 -10.55 20.93 5.06
CA GLU A 423 -11.86 20.76 5.68
C GLU A 423 -12.97 20.82 4.63
N LYS A 424 -12.85 21.74 3.68
CA LYS A 424 -13.85 21.89 2.64
C LYS A 424 -13.79 20.72 1.65
N LEU A 425 -12.59 20.24 1.33
CA LEU A 425 -12.47 19.09 0.44
C LEU A 425 -13.04 17.84 1.06
N VAL A 426 -12.78 17.62 2.35
CA VAL A 426 -13.30 16.45 3.04
C VAL A 426 -14.83 16.39 2.95
N LYS A 427 -15.48 17.55 2.89
CA LYS A 427 -16.93 17.62 2.82
C LYS A 427 -17.46 17.70 1.40
N ASP A 428 -16.60 17.64 0.40
CA ASP A 428 -17.01 17.70 -1.00
C ASP A 428 -17.39 16.29 -1.45
N ALA A 429 -18.69 16.06 -1.66
CA ALA A 429 -19.17 14.73 -2.02
C ALA A 429 -18.62 14.29 -3.37
N GLU A 430 -18.75 15.14 -4.38
CA GLU A 430 -18.28 14.76 -5.72
C GLU A 430 -16.78 14.49 -5.70
N PHE A 431 -16.00 15.38 -5.07
CA PHE A 431 -14.56 15.17 -5.01
C PHE A 431 -14.22 13.81 -4.37
N ASN A 432 -14.90 13.47 -3.29
CA ASN A 432 -14.65 12.19 -2.62
C ASN A 432 -15.20 11.02 -3.40
N GLU A 433 -16.06 11.25 -4.39
CA GLU A 433 -16.50 10.21 -5.31
C GLU A 433 -15.34 9.71 -6.17
N TYR A 434 -14.51 10.64 -6.63
CA TYR A 434 -13.40 10.32 -7.53
C TYR A 434 -12.08 10.14 -6.82
N VAL A 435 -11.86 10.83 -5.71
CA VAL A 435 -10.59 10.83 -5.01
C VAL A 435 -10.81 10.31 -3.59
N SER A 436 -9.93 9.42 -3.15
CA SER A 436 -9.99 8.91 -1.79
C SER A 436 -8.97 9.63 -0.93
N ILE A 437 -9.46 10.27 0.12
CA ILE A 437 -8.64 11.04 1.04
C ILE A 437 -8.31 10.16 2.23
N VAL A 438 -7.01 9.91 2.45
CA VAL A 438 -6.57 9.09 3.56
C VAL A 438 -6.64 9.88 4.86
N GLU B 8 -9.51 -15.41 -21.69
CA GLU B 8 -9.91 -15.20 -20.30
C GLU B 8 -8.82 -15.65 -19.35
N LEU B 9 -9.00 -16.81 -18.73
CA LEU B 9 -8.01 -17.41 -17.85
C LEU B 9 -7.56 -18.74 -18.42
N VAL B 10 -6.26 -18.96 -18.44
CA VAL B 10 -5.65 -20.13 -19.06
C VAL B 10 -4.95 -20.96 -17.99
N VAL B 11 -5.27 -22.24 -17.96
CA VAL B 11 -4.63 -23.17 -17.03
C VAL B 11 -3.37 -23.72 -17.70
N ILE B 12 -2.23 -23.54 -17.04
CA ILE B 12 -1.02 -24.11 -17.61
C ILE B 12 -0.75 -25.52 -17.08
N SER B 13 -1.00 -25.78 -15.80
CA SER B 13 -0.72 -27.12 -15.28
C SER B 13 -1.56 -27.39 -14.05
N LYS B 14 -1.73 -28.68 -13.77
CA LYS B 14 -2.42 -29.16 -12.57
C LYS B 14 -1.61 -30.32 -12.00
N SER B 15 -1.35 -30.27 -10.70
CA SER B 15 -0.48 -31.20 -10.00
C SER B 15 -1.14 -31.66 -8.71
N ILE B 16 -0.74 -32.82 -8.21
CA ILE B 16 -1.03 -33.25 -6.85
C ILE B 16 0.27 -33.21 -6.07
N VAL B 17 0.30 -32.43 -5.00
CA VAL B 17 1.51 -32.23 -4.21
C VAL B 17 1.38 -33.03 -2.92
N ASN B 18 2.23 -34.03 -2.76
CA ASN B 18 2.29 -34.85 -1.57
C ASN B 18 3.37 -34.33 -0.62
N PRO B 19 3.32 -34.74 0.64
CA PRO B 19 4.41 -34.38 1.56
C PRO B 19 5.75 -34.88 1.02
N ARG B 20 6.79 -34.09 1.24
CA ARG B 20 8.12 -34.39 0.70
C ARG B 20 8.64 -35.72 1.26
N SER B 21 8.70 -35.80 2.55
CA SER B 21 9.18 -36.96 3.25
C SER B 21 8.03 -37.86 3.48
N LEU B 22 7.45 -38.28 2.40
CA LEU B 22 6.30 -39.11 2.49
C LEU B 22 6.75 -40.48 2.86
N LYS B 23 6.22 -40.95 3.98
CA LYS B 23 6.41 -42.27 4.52
C LYS B 23 5.06 -42.59 5.09
N LYS B 24 4.25 -43.42 4.45
CA LYS B 24 2.95 -43.70 5.08
C LYS B 24 3.18 -44.78 6.11
N PRO B 25 2.63 -44.62 7.31
CA PRO B 25 2.89 -45.60 8.36
C PRO B 25 2.00 -46.83 8.23
N THR B 26 2.25 -47.84 9.06
CA THR B 26 1.41 -49.03 9.15
C THR B 26 -0.05 -48.64 9.26
N SER B 27 -0.30 -47.71 10.17
CA SER B 27 -1.62 -47.18 10.47
C SER B 27 -1.71 -45.72 10.03
N VAL B 28 -2.75 -45.36 9.31
CA VAL B 28 -2.97 -43.97 8.93
C VAL B 28 -3.66 -43.30 10.11
N LYS B 29 -3.25 -42.08 10.42
CA LYS B 29 -3.85 -41.37 11.54
C LYS B 29 -5.24 -40.89 11.19
N LYS B 30 -6.15 -40.98 12.16
CA LYS B 30 -7.51 -40.53 11.91
C LYS B 30 -7.84 -39.35 12.82
N ILE B 31 -8.53 -38.39 12.22
CA ILE B 31 -8.96 -37.19 12.91
C ILE B 31 -10.49 -37.20 12.96
N GLN B 32 -11.03 -37.25 14.17
CA GLN B 32 -12.47 -37.27 14.34
C GLN B 32 -13.05 -35.86 14.25
N LEU B 33 -14.28 -35.78 13.79
CA LEU B 33 -14.92 -34.49 13.51
C LEU B 33 -15.95 -34.18 14.59
N THR B 34 -15.91 -32.94 15.09
CA THR B 34 -16.79 -32.51 16.16
C THR B 34 -18.04 -31.87 15.58
N PRO B 35 -19.02 -31.57 16.44
CA PRO B 35 -20.24 -30.91 15.95
C PRO B 35 -19.96 -29.64 15.17
N TRP B 36 -18.99 -28.83 15.58
CA TRP B 36 -18.61 -27.67 14.79
C TRP B 36 -18.28 -28.08 13.37
N ASP B 37 -17.32 -29.00 13.21
CA ASP B 37 -16.87 -29.40 11.88
C ASP B 37 -18.02 -29.94 11.05
N LEU B 38 -18.87 -30.77 11.66
CA LEU B 38 -19.95 -31.39 10.90
C LEU B 38 -21.03 -30.40 10.51
N SER B 39 -21.25 -29.37 11.33
CA SER B 39 -22.28 -28.39 11.01
C SER B 39 -21.97 -27.61 9.73
N ARG B 40 -20.72 -27.63 9.28
CA ARG B 40 -20.31 -26.90 8.09
C ARG B 40 -20.16 -27.78 6.86
N LEU B 41 -20.56 -29.05 6.95
CA LEU B 41 -20.31 -29.99 5.87
C LEU B 41 -20.94 -29.54 4.55
N ARG B 42 -22.00 -28.75 4.64
CA ARG B 42 -22.71 -28.27 3.46
C ARG B 42 -22.19 -26.94 2.91
N PHE B 43 -21.38 -26.24 3.70
CA PHE B 43 -20.82 -24.96 3.26
C PHE B 43 -19.75 -25.19 2.20
N GLY B 44 -19.50 -24.14 1.42
CA GLY B 44 -18.44 -24.19 0.45
C GLY B 44 -17.08 -23.98 1.07
N TYR B 45 -16.05 -24.45 0.35
CA TYR B 45 -14.68 -24.23 0.79
C TYR B 45 -14.44 -22.75 1.03
N LEU B 46 -13.69 -22.43 2.09
CA LEU B 46 -13.33 -21.06 2.34
C LEU B 46 -12.10 -20.69 1.52
N GLN B 47 -12.14 -19.54 0.85
CA GLN B 47 -11.12 -19.20 -0.13
C GLN B 47 -10.54 -17.83 0.18
N ARG B 48 -9.21 -17.76 0.24
CA ARG B 48 -8.48 -16.53 0.48
C ARG B 48 -7.21 -16.55 -0.35
N GLY B 49 -6.56 -15.40 -0.48
CA GLY B 49 -5.37 -15.36 -1.31
C GLY B 49 -4.54 -14.13 -1.05
N LEU B 50 -3.31 -14.18 -1.57
CA LEU B 50 -2.32 -13.13 -1.40
C LEU B 50 -1.83 -12.66 -2.76
N LEU B 51 -1.59 -11.36 -2.86
CA LEU B 51 -1.11 -10.74 -4.10
C LEU B 51 0.37 -10.39 -3.96
N PHE B 52 1.13 -10.65 -5.02
CA PHE B 52 2.57 -10.47 -5.02
C PHE B 52 3.01 -9.82 -6.33
N HIS B 53 4.21 -9.24 -6.30
CA HIS B 53 4.86 -8.81 -7.52
C HIS B 53 5.46 -9.97 -8.29
N LYS B 54 5.96 -10.99 -7.60
CA LYS B 54 6.68 -12.06 -8.23
C LYS B 54 6.58 -13.34 -7.40
N ILE B 55 6.36 -14.46 -8.08
CA ILE B 55 6.37 -15.77 -7.45
C ILE B 55 6.84 -16.75 -8.53
N GLU B 56 7.79 -17.60 -8.16
CA GLU B 56 8.29 -18.64 -9.05
C GLU B 56 7.48 -19.86 -8.64
N VAL B 57 6.87 -20.56 -9.59
CA VAL B 57 6.03 -21.69 -9.23
C VAL B 57 6.77 -22.94 -8.78
N LYS B 58 7.96 -23.21 -9.34
CA LYS B 58 8.64 -24.44 -8.97
C LYS B 58 9.03 -24.43 -7.50
N GLN B 59 9.64 -23.35 -7.00
CA GLN B 59 9.99 -23.29 -5.59
C GLN B 59 8.75 -23.25 -4.71
N LEU B 60 7.68 -22.60 -5.17
CA LEU B 60 6.42 -22.64 -4.43
C LEU B 60 5.95 -24.08 -4.23
N GLN B 61 5.97 -24.87 -5.30
CA GLN B 61 5.52 -26.25 -5.23
C GLN B 61 6.41 -27.08 -4.31
N ALA B 62 7.73 -26.93 -4.45
CA ALA B 62 8.65 -27.69 -3.61
C ALA B 62 8.47 -27.34 -2.14
N SER B 63 8.39 -26.04 -1.83
CA SER B 63 8.17 -25.63 -0.46
C SER B 63 6.83 -26.11 0.07
N LEU B 64 5.80 -26.17 -0.78
CA LEU B 64 4.53 -26.73 -0.35
C LEU B 64 4.66 -28.19 0.04
N SER B 65 5.35 -28.96 -0.79
CA SER B 65 5.61 -30.36 -0.44
C SER B 65 6.32 -30.45 0.90
N VAL B 66 7.32 -29.60 1.12
CA VAL B 66 8.05 -29.63 2.39
C VAL B 66 7.12 -29.30 3.55
N ALA B 67 6.30 -28.25 3.41
CA ALA B 67 5.43 -27.83 4.49
C ALA B 67 4.38 -28.87 4.81
N LEU B 68 3.93 -29.63 3.82
CA LEU B 68 2.93 -30.66 4.06
C LEU B 68 3.48 -31.80 4.91
N ASP B 69 4.80 -31.93 5.03
CA ASP B 69 5.37 -32.88 5.97
C ASP B 69 4.92 -32.58 7.39
N ARG B 70 4.91 -31.30 7.75
CA ARG B 70 4.48 -30.90 9.09
C ARG B 70 2.97 -30.81 9.19
N PHE B 71 2.32 -30.17 8.21
CA PHE B 71 0.87 -30.02 8.20
C PHE B 71 0.23 -31.14 7.39
N TYR B 72 0.51 -32.38 7.80
CA TYR B 72 0.05 -33.53 7.03
C TYR B 72 -1.46 -33.65 6.91
N PRO B 73 -2.28 -33.20 7.87
CA PRO B 73 -3.73 -33.30 7.67
C PRO B 73 -4.22 -32.60 6.43
N LEU B 74 -3.57 -31.52 6.01
CA LEU B 74 -3.98 -30.82 4.80
C LEU B 74 -3.79 -31.65 3.55
N ALA B 75 -3.03 -32.74 3.63
CA ALA B 75 -2.84 -33.65 2.50
C ALA B 75 -3.72 -34.89 2.59
N GLY B 76 -4.59 -34.97 3.58
CA GLY B 76 -5.45 -36.11 3.77
C GLY B 76 -6.74 -36.02 2.98
N ARG B 77 -7.71 -36.85 3.37
CA ARG B 77 -8.98 -36.88 2.68
C ARG B 77 -10.10 -37.17 3.67
N LEU B 78 -11.28 -36.66 3.38
CA LEU B 78 -12.46 -37.06 4.12
C LEU B 78 -12.83 -38.49 3.77
N VAL B 79 -13.31 -39.22 4.77
CA VAL B 79 -13.83 -40.57 4.60
C VAL B 79 -15.22 -40.61 5.19
N LYS B 80 -16.17 -41.07 4.38
CA LYS B 80 -17.58 -41.18 4.76
C LYS B 80 -17.93 -42.65 4.96
N LEU B 81 -18.48 -42.95 6.13
CA LEU B 81 -18.91 -44.31 6.47
C LEU B 81 -20.43 -44.36 6.54
N LYS B 82 -20.99 -45.46 6.04
CA LYS B 82 -22.42 -45.70 6.13
C LYS B 82 -22.67 -46.60 7.33
N ASN B 83 -23.38 -46.06 8.32
CA ASN B 83 -23.58 -46.76 9.56
C ASN B 83 -24.77 -47.71 9.48
N ASP B 84 -24.78 -48.70 10.38
CA ASP B 84 -25.82 -49.72 10.36
C ASP B 84 -27.20 -49.12 10.60
N ASP B 85 -27.28 -48.01 11.33
CA ASP B 85 -28.55 -47.34 11.58
C ASP B 85 -28.97 -46.43 10.43
N ASP B 86 -28.39 -46.61 9.26
CA ASP B 86 -28.68 -45.83 8.06
C ASP B 86 -28.23 -44.39 8.16
N THR B 87 -27.49 -44.03 9.21
CA THR B 87 -26.87 -42.72 9.28
C THR B 87 -25.50 -42.78 8.60
N VAL B 88 -24.86 -41.62 8.46
CA VAL B 88 -23.50 -41.62 7.96
C VAL B 88 -22.62 -40.90 8.96
N SER B 89 -21.32 -41.13 8.80
CA SER B 89 -20.32 -40.48 9.64
C SER B 89 -19.13 -40.09 8.79
N PHE B 90 -18.36 -39.13 9.30
CA PHE B 90 -17.21 -38.59 8.58
C PHE B 90 -16.00 -38.55 9.49
N PHE B 91 -14.84 -38.85 8.93
CA PHE B 91 -13.59 -38.57 9.61
C PHE B 91 -12.55 -38.17 8.58
N ILE B 92 -11.38 -37.77 9.06
CA ILE B 92 -10.28 -37.34 8.20
C ILE B 92 -9.18 -38.39 8.27
N SER B 93 -8.82 -38.95 7.11
CA SER B 93 -7.73 -39.90 6.99
C SER B 93 -6.51 -39.18 6.45
N CYS B 94 -5.45 -39.11 7.26
CA CYS B 94 -4.20 -38.48 6.86
C CYS B 94 -3.43 -39.49 6.04
N ASP B 95 -3.92 -39.75 4.84
CA ASP B 95 -3.32 -40.74 3.94
C ASP B 95 -2.33 -40.14 2.96
N GLY B 96 -2.08 -38.84 3.02
CA GLY B 96 -1.13 -38.23 2.13
C GLY B 96 -1.55 -38.17 0.68
N SER B 97 -2.86 -38.25 0.41
CA SER B 97 -3.34 -38.24 -0.97
C SER B 97 -2.83 -37.02 -1.73
N GLY B 98 -2.69 -35.88 -1.06
CA GLY B 98 -2.08 -34.73 -1.69
C GLY B 98 -2.97 -33.52 -1.89
N VAL B 99 -2.36 -32.40 -2.23
CA VAL B 99 -3.05 -31.12 -2.39
C VAL B 99 -3.11 -30.78 -3.88
N GLU B 100 -4.28 -30.37 -4.34
CA GLU B 100 -4.42 -29.92 -5.72
C GLU B 100 -3.73 -28.57 -5.90
N PHE B 101 -2.88 -28.47 -6.93
CA PHE B 101 -2.05 -27.30 -7.17
C PHE B 101 -2.19 -26.92 -8.63
N VAL B 102 -2.79 -25.76 -8.90
CA VAL B 102 -3.11 -25.33 -10.25
C VAL B 102 -2.29 -24.09 -10.59
N HIS B 103 -1.62 -24.14 -11.74
CA HIS B 103 -0.87 -23.01 -12.28
C HIS B 103 -1.60 -22.49 -13.51
N ALA B 104 -1.98 -21.22 -13.48
CA ALA B 104 -2.77 -20.58 -14.53
C ALA B 104 -2.19 -19.20 -14.83
N VAL B 105 -2.72 -18.58 -15.87
CA VAL B 105 -2.26 -17.29 -16.37
C VAL B 105 -3.48 -16.44 -16.74
N ALA B 106 -3.54 -15.20 -16.24
CA ALA B 106 -4.54 -14.22 -16.63
C ALA B 106 -3.78 -12.94 -17.02
N LYS B 107 -3.37 -12.87 -18.27
CA LYS B 107 -2.50 -11.81 -18.76
C LYS B 107 -3.16 -10.44 -18.80
N ASN B 108 -4.49 -10.39 -18.82
CA ASN B 108 -5.20 -9.13 -18.95
C ASN B 108 -5.63 -8.54 -17.61
N ILE B 109 -5.26 -9.16 -16.50
CA ILE B 109 -5.55 -8.67 -15.17
C ILE B 109 -4.27 -8.10 -14.58
N GLU B 110 -4.38 -6.95 -13.92
CA GLU B 110 -3.22 -6.28 -13.34
C GLU B 110 -3.43 -6.04 -11.85
N LEU B 111 -2.34 -5.64 -11.19
CA LEU B 111 -2.38 -5.45 -9.75
C LEU B 111 -3.50 -4.51 -9.32
N SER B 112 -3.68 -3.40 -10.03
CA SER B 112 -4.69 -2.44 -9.59
C SER B 112 -6.07 -3.07 -9.56
N ASP B 113 -6.39 -3.98 -10.48
CA ASP B 113 -7.70 -4.61 -10.49
C ASP B 113 -7.97 -5.35 -9.19
N VAL B 114 -6.95 -6.01 -8.65
CA VAL B 114 -7.14 -6.78 -7.42
C VAL B 114 -7.00 -5.90 -6.18
N LEU B 115 -6.09 -4.93 -6.20
CA LEU B 115 -5.94 -4.03 -5.06
C LEU B 115 -7.20 -3.21 -4.84
N GLU B 116 -7.83 -2.78 -5.92
CA GLU B 116 -9.00 -1.90 -5.89
C GLU B 116 -10.27 -2.70 -6.18
N LEU B 117 -10.33 -3.91 -5.63
CA LEU B 117 -11.45 -4.82 -5.83
C LEU B 117 -12.79 -4.12 -5.64
N SER B 118 -13.59 -4.08 -6.70
CA SER B 118 -14.88 -3.43 -6.68
C SER B 118 -15.67 -3.90 -7.90
N GLY B 119 -16.96 -4.15 -7.74
CA GLY B 119 -17.78 -4.55 -8.86
C GLY B 119 -18.76 -5.63 -8.48
N SER B 120 -19.60 -6.04 -9.42
CA SER B 120 -20.57 -7.11 -9.27
C SER B 120 -19.88 -8.44 -9.08
N VAL B 121 -20.42 -9.30 -8.23
CA VAL B 121 -19.86 -10.64 -8.02
C VAL B 121 -20.93 -11.69 -8.26
N PRO B 122 -20.56 -12.89 -8.75
CA PRO B 122 -19.18 -13.22 -9.11
C PRO B 122 -18.71 -12.53 -10.37
N GLY B 123 -17.43 -12.17 -10.41
CA GLY B 123 -16.83 -11.52 -11.55
C GLY B 123 -15.54 -12.18 -11.96
N PHE B 124 -14.61 -11.37 -12.47
CA PHE B 124 -13.35 -11.88 -12.96
C PHE B 124 -12.53 -12.53 -11.86
N PHE B 125 -12.60 -12.00 -10.63
CA PHE B 125 -11.75 -12.47 -9.55
C PHE B 125 -12.10 -13.89 -9.10
N ALA B 126 -13.36 -14.30 -9.24
CA ALA B 126 -13.76 -15.62 -8.79
C ALA B 126 -12.92 -16.72 -9.42
N SER B 127 -12.48 -16.52 -10.67
CA SER B 127 -11.70 -17.52 -11.38
C SER B 127 -10.28 -17.68 -10.85
N PHE B 128 -9.84 -16.79 -9.96
CA PHE B 128 -8.51 -16.89 -9.37
C PHE B 128 -8.48 -17.88 -8.21
N PHE B 129 -9.62 -18.44 -7.83
CA PHE B 129 -9.69 -19.33 -6.69
C PHE B 129 -10.08 -20.74 -7.13
N PRO B 130 -9.46 -21.77 -6.55
CA PRO B 130 -9.59 -23.12 -7.10
C PRO B 130 -10.74 -23.95 -6.54
N ALA B 131 -11.42 -23.50 -5.49
CA ALA B 131 -12.43 -24.31 -4.82
C ALA B 131 -13.84 -23.73 -4.97
N THR B 132 -14.07 -22.97 -6.03
CA THR B 132 -15.39 -22.41 -6.26
C THR B 132 -16.38 -23.52 -6.59
N GLY B 133 -17.51 -23.54 -5.87
CA GLY B 133 -18.51 -24.56 -6.05
C GLY B 133 -18.25 -25.85 -5.30
N ILE B 134 -17.11 -25.96 -4.62
CA ILE B 134 -16.78 -27.17 -3.88
C ILE B 134 -17.32 -27.05 -2.46
N LYS B 135 -18.11 -28.04 -2.06
CA LYS B 135 -18.62 -28.13 -0.70
C LYS B 135 -17.66 -28.97 0.15
N ASN B 136 -17.76 -28.79 1.47
CA ASN B 136 -16.86 -29.48 2.37
C ASN B 136 -16.99 -30.99 2.26
N TYR B 137 -18.22 -31.50 2.08
CA TYR B 137 -18.39 -32.94 1.97
C TYR B 137 -17.77 -33.51 0.70
N HIS B 138 -17.38 -32.66 -0.24
CA HIS B 138 -16.62 -33.12 -1.40
C HIS B 138 -15.20 -33.53 -1.05
N GLY B 139 -14.77 -33.29 0.20
CA GLY B 139 -13.43 -33.65 0.61
C GLY B 139 -13.13 -35.14 0.56
N VAL B 140 -14.14 -35.97 0.28
CA VAL B 140 -13.94 -37.40 0.14
C VAL B 140 -13.17 -37.71 -1.13
N SER B 141 -13.36 -36.89 -2.17
CA SER B 141 -12.68 -37.08 -3.44
C SER B 141 -11.84 -35.89 -3.87
N ARG B 142 -11.94 -34.75 -3.19
CA ARG B 142 -11.14 -33.57 -3.49
C ARG B 142 -10.25 -33.26 -2.28
N SER B 143 -9.13 -32.59 -2.56
CA SER B 143 -8.17 -32.30 -1.52
C SER B 143 -8.77 -31.37 -0.48
N LEU B 144 -8.27 -31.49 0.75
CA LEU B 144 -8.71 -30.62 1.83
C LEU B 144 -8.14 -29.21 1.71
N LEU B 145 -7.09 -29.06 0.90
CA LEU B 145 -6.54 -27.76 0.56
C LEU B 145 -6.27 -27.73 -0.93
N MET B 146 -6.66 -26.64 -1.57
CA MET B 146 -6.42 -26.44 -3.00
C MET B 146 -5.71 -25.10 -3.19
N VAL B 147 -4.73 -25.08 -4.09
CA VAL B 147 -3.92 -23.90 -4.34
C VAL B 147 -3.94 -23.60 -5.83
N GLN B 148 -4.03 -22.32 -6.17
CA GLN B 148 -3.97 -21.85 -7.55
C GLN B 148 -3.06 -20.63 -7.61
N VAL B 149 -1.99 -20.73 -8.40
CA VAL B 149 -1.18 -19.54 -8.60
C VAL B 149 -1.43 -19.07 -10.03
N THR B 150 -1.92 -17.83 -10.07
CA THR B 150 -2.37 -17.19 -11.30
C THR B 150 -1.41 -16.06 -11.63
N GLU B 151 -0.67 -16.21 -12.71
CA GLU B 151 0.20 -15.15 -13.19
C GLU B 151 -0.65 -14.04 -13.80
N MET B 152 -0.35 -12.80 -13.44
CA MET B 152 -1.06 -11.64 -13.93
C MET B 152 -0.16 -10.83 -14.86
N LYS B 153 -0.71 -9.76 -15.41
CA LYS B 153 0.07 -8.90 -16.29
C LYS B 153 1.32 -8.39 -15.59
N ASP B 154 1.20 -8.01 -14.33
CA ASP B 154 2.29 -7.38 -13.61
C ASP B 154 2.38 -7.91 -12.18
N GLY B 155 2.01 -9.17 -11.97
CA GLY B 155 2.10 -9.75 -10.65
C GLY B 155 1.66 -11.19 -10.65
N VAL B 156 1.49 -11.74 -9.45
CA VAL B 156 1.13 -13.13 -9.21
C VAL B 156 0.12 -13.18 -8.07
N PHE B 157 -0.96 -13.93 -8.20
CA PHE B 157 -1.88 -14.16 -7.10
C PHE B 157 -1.83 -15.62 -6.66
N ILE B 158 -1.69 -15.84 -5.37
CA ILE B 158 -1.76 -17.18 -4.80
C ILE B 158 -3.09 -17.27 -4.07
N GLY B 159 -4.04 -17.98 -4.68
CA GLY B 159 -5.33 -18.21 -4.06
C GLY B 159 -5.38 -19.63 -3.53
N PHE B 160 -6.16 -19.84 -2.47
CA PHE B 160 -6.28 -21.16 -1.89
C PHE B 160 -7.67 -21.31 -1.27
N GLY B 161 -8.17 -22.51 -1.37
CA GLY B 161 -9.41 -22.88 -0.70
C GLY B 161 -9.15 -24.03 0.24
N TYR B 162 -9.85 -24.01 1.38
CA TYR B 162 -9.68 -25.05 2.38
C TYR B 162 -11.03 -25.50 2.92
N ASN B 163 -11.03 -26.74 3.39
CA ASN B 163 -12.22 -27.38 3.94
C ASN B 163 -12.32 -27.05 5.42
N SER B 164 -13.45 -26.47 5.82
CA SER B 164 -13.51 -26.06 7.22
C SER B 164 -13.58 -27.23 8.19
N THR B 165 -13.77 -28.47 7.73
CA THR B 165 -13.72 -29.61 8.63
C THR B 165 -12.31 -29.89 9.12
N VAL B 166 -11.28 -29.46 8.38
CA VAL B 166 -9.93 -29.82 8.79
C VAL B 166 -9.16 -28.65 9.42
N ALA B 167 -9.62 -27.41 9.26
CA ALA B 167 -8.85 -26.30 9.81
C ALA B 167 -9.72 -25.06 9.88
N ASP B 168 -9.38 -24.19 10.83
CA ASP B 168 -9.93 -22.85 10.91
C ASP B 168 -8.95 -21.85 10.32
N ALA B 169 -9.37 -20.59 10.27
CA ALA B 169 -8.53 -19.55 9.69
C ALA B 169 -7.19 -19.46 10.41
N THR B 170 -7.19 -19.61 11.73
CA THR B 170 -5.96 -19.54 12.49
C THR B 170 -4.95 -20.58 12.01
N SER B 171 -5.39 -21.84 11.90
CA SER B 171 -4.34 -22.79 11.53
C SER B 171 -4.04 -22.73 10.04
N ILE B 172 -4.95 -22.31 9.16
CA ILE B 172 -4.59 -22.13 7.76
C ILE B 172 -3.55 -21.02 7.61
N TRP B 173 -3.71 -19.94 8.36
CA TRP B 173 -2.74 -18.85 8.26
C TRP B 173 -1.41 -19.25 8.89
N LYS B 174 -1.42 -20.04 9.96
CA LYS B 174 -0.14 -20.51 10.47
C LYS B 174 0.53 -21.42 9.45
N PHE B 175 -0.23 -22.26 8.74
CA PHE B 175 0.34 -23.07 7.68
C PHE B 175 0.93 -22.21 6.57
N ILE B 176 0.22 -21.15 6.19
CA ILE B 176 0.72 -20.27 5.15
C ILE B 176 2.01 -19.59 5.60
N ASN B 177 2.07 -19.18 6.87
CA ASN B 177 3.30 -18.61 7.41
C ASN B 177 4.45 -19.59 7.30
N ALA B 178 4.24 -20.83 7.74
CA ALA B 178 5.31 -21.82 7.68
C ALA B 178 5.73 -22.11 6.24
N TRP B 179 4.76 -22.23 5.34
CA TRP B 179 5.05 -22.46 3.94
C TRP B 179 5.89 -21.33 3.35
N SER B 180 5.51 -20.09 3.64
CA SER B 180 6.27 -18.96 3.12
C SER B 180 7.67 -18.93 3.70
N GLU B 181 7.81 -19.21 5.00
CA GLU B 181 9.13 -19.24 5.60
C GLU B 181 10.02 -20.28 4.92
N ILE B 182 9.47 -21.48 4.69
CA ILE B 182 10.24 -22.53 4.04
C ILE B 182 10.65 -22.09 2.64
N CYS B 183 9.69 -21.60 1.85
CA CYS B 183 10.05 -21.20 0.49
C CYS B 183 11.06 -20.07 0.50
N SER B 184 11.03 -19.20 1.52
CA SER B 184 11.95 -18.07 1.68
C SER B 184 13.38 -18.55 1.91
N LYS B 185 13.51 -19.43 2.90
CA LYS B 185 14.86 -19.77 3.35
C LYS B 185 15.35 -21.13 2.88
N ASP B 186 14.48 -22.14 2.73
CA ASP B 186 14.91 -23.41 2.17
C ASP B 186 13.76 -24.05 1.40
N SER B 187 13.71 -23.80 0.09
CA SER B 187 12.56 -24.24 -0.69
C SER B 187 12.58 -25.75 -0.92
N SER B 188 13.78 -26.33 -1.04
CA SER B 188 13.95 -27.76 -1.24
C SER B 188 13.73 -28.56 0.04
N GLY B 189 13.73 -27.90 1.19
CA GLY B 189 13.62 -28.59 2.46
C GLY B 189 14.85 -29.36 2.88
N SER B 190 15.95 -29.25 2.14
CA SER B 190 17.26 -29.85 2.37
C SER B 190 17.76 -29.62 3.80
N GLN B 191 17.36 -28.48 4.36
CA GLN B 191 17.86 -27.95 5.61
C GLN B 191 16.72 -27.57 6.56
N THR B 192 15.53 -28.13 6.36
CA THR B 192 14.34 -27.74 7.10
C THR B 192 13.99 -28.83 8.11
N PHE B 193 13.93 -28.46 9.38
CA PHE B 193 13.54 -29.35 10.47
C PHE B 193 12.38 -28.71 11.20
N GLN B 194 11.22 -29.36 11.16
CA GLN B 194 9.96 -28.75 11.55
C GLN B 194 9.43 -29.37 12.84
N ARG B 195 8.90 -28.52 13.70
CA ARG B 195 8.27 -29.03 14.91
C ARG B 195 7.07 -29.90 14.55
N ARG B 196 6.83 -30.89 15.40
CA ARG B 196 5.73 -31.80 15.14
C ARG B 196 4.40 -31.14 15.48
N LEU B 197 3.43 -31.41 14.62
CA LEU B 197 2.12 -30.79 14.73
C LEU B 197 1.36 -31.34 15.94
N HIS B 198 0.73 -30.45 16.69
CA HIS B 198 -0.13 -30.83 17.80
C HIS B 198 -1.58 -30.72 17.34
N LEU B 199 -2.29 -31.84 17.35
CA LEU B 199 -3.67 -31.85 16.93
C LEU B 199 -4.60 -31.46 18.07
N LYS B 200 -5.77 -30.94 17.71
CA LYS B 200 -6.72 -30.46 18.71
C LYS B 200 -7.28 -31.59 19.55
N GLY B 201 -7.47 -32.78 18.95
CA GLY B 201 -8.00 -33.90 19.68
C GLY B 201 -9.47 -33.71 20.04
N TRP B 202 -9.96 -34.66 20.85
CA TRP B 202 -11.36 -34.71 21.24
C TRP B 202 -11.50 -34.14 22.65
N PHE B 203 -12.21 -33.03 22.78
CA PHE B 203 -12.42 -32.39 24.07
C PHE B 203 -13.89 -32.40 24.50
N PHE B 204 -14.72 -33.23 23.88
CA PHE B 204 -16.12 -33.41 24.28
C PHE B 204 -16.27 -34.84 24.81
N ASP B 205 -16.06 -35.01 26.10
CA ASP B 205 -16.15 -36.39 26.56
C ASP B 205 -17.59 -36.85 26.80
N GLU B 206 -18.57 -35.96 26.81
CA GLU B 206 -19.96 -36.39 26.86
C GLU B 206 -20.56 -36.64 25.49
N ILE B 207 -19.71 -36.81 24.47
CA ILE B 207 -20.15 -37.08 23.10
C ILE B 207 -19.28 -38.18 22.53
N ASP B 208 -19.91 -39.25 22.05
CA ASP B 208 -19.22 -40.34 21.40
C ASP B 208 -18.85 -39.98 19.97
N TYR B 209 -17.79 -40.59 19.46
CA TYR B 209 -17.37 -40.41 18.08
C TYR B 209 -17.12 -41.76 17.44
N PRO B 210 -17.31 -41.88 16.12
CA PRO B 210 -17.82 -40.81 15.25
C PRO B 210 -19.30 -40.51 15.47
N ILE B 211 -19.68 -39.25 15.32
CA ILE B 211 -21.07 -38.87 15.52
C ILE B 211 -21.90 -39.31 14.31
N HIS B 212 -23.06 -39.89 14.61
CA HIS B 212 -23.97 -40.35 13.57
C HIS B 212 -24.86 -39.21 13.11
N ILE B 213 -24.80 -38.91 11.82
CA ILE B 213 -25.59 -37.81 11.25
C ILE B 213 -26.29 -38.30 9.99
N PRO B 214 -27.34 -37.62 9.55
CA PRO B 214 -27.90 -37.91 8.22
C PRO B 214 -26.96 -37.44 7.13
N ASP B 215 -26.99 -38.14 6.01
CA ASP B 215 -26.11 -37.81 4.90
C ASP B 215 -26.33 -36.36 4.48
N PRO B 216 -25.27 -35.55 4.42
CA PRO B 216 -25.47 -34.14 4.01
C PRO B 216 -25.84 -33.98 2.55
N GLU B 217 -25.58 -34.96 1.70
CA GLU B 217 -25.95 -34.83 0.27
C GLU B 217 -27.07 -35.72 -0.19
N THR B 228 -29.43 -12.94 -6.52
CA THR B 228 -29.13 -11.59 -6.08
C THR B 228 -27.80 -11.11 -6.65
N ASN B 229 -27.85 -9.81 -6.96
CA ASN B 229 -26.78 -9.16 -7.70
C ASN B 229 -25.81 -8.45 -6.75
N LEU B 230 -25.10 -9.22 -5.93
CA LEU B 230 -24.20 -8.64 -4.93
C LEU B 230 -23.05 -7.88 -5.56
N GLN B 231 -22.46 -6.97 -4.78
CA GLN B 231 -21.29 -6.19 -5.19
C GLN B 231 -20.24 -6.31 -4.10
N GLU B 232 -18.98 -6.23 -4.50
CA GLU B 232 -17.87 -6.25 -3.55
C GLU B 232 -17.16 -4.92 -3.55
N LYS B 233 -16.75 -4.50 -2.35
CA LYS B 233 -16.04 -3.24 -2.22
C LYS B 233 -15.03 -3.33 -1.09
N MET B 234 -13.95 -2.58 -1.26
CA MET B 234 -12.91 -2.48 -0.26
C MET B 234 -13.12 -1.23 0.59
N PHE B 235 -13.07 -1.41 1.91
CA PHE B 235 -13.09 -0.32 2.86
C PHE B 235 -11.74 -0.23 3.55
N HIS B 236 -11.25 0.97 3.77
CA HIS B 236 -10.03 1.17 4.54
C HIS B 236 -10.31 2.11 5.69
N VAL B 237 -9.81 1.75 6.88
CA VAL B 237 -9.95 2.57 8.07
C VAL B 237 -8.55 2.89 8.58
N THR B 238 -8.18 4.16 8.49
CA THR B 238 -6.88 4.64 8.95
C THR B 238 -6.74 4.47 10.46
N LYS B 239 -5.49 4.48 10.92
CA LYS B 239 -5.25 4.44 12.36
C LYS B 239 -5.90 5.66 13.00
N GLU B 240 -5.94 6.76 12.25
CA GLU B 240 -6.54 8.00 12.74
C GLU B 240 -8.02 7.82 13.08
N ASN B 241 -8.77 7.21 12.17
CA ASN B 241 -10.20 6.99 12.38
C ASN B 241 -10.49 5.79 13.27
N VAL B 242 -9.60 4.80 13.29
CA VAL B 242 -9.77 3.67 14.20
C VAL B 242 -9.72 4.17 15.65
N LEU B 243 -8.73 5.00 15.97
CA LEU B 243 -8.67 5.56 17.32
C LEU B 243 -9.85 6.47 17.61
N LYS B 244 -10.32 7.24 16.63
CA LYS B 244 -11.48 8.08 16.82
C LYS B 244 -12.70 7.24 17.20
N LEU B 245 -12.94 6.15 16.47
CA LEU B 245 -14.08 5.29 16.76
C LEU B 245 -13.89 4.61 18.12
N ASP B 246 -12.68 4.15 18.42
CA ASP B 246 -12.42 3.56 19.73
C ASP B 246 -12.78 4.52 20.85
N ALA B 247 -12.38 5.79 20.72
CA ALA B 247 -12.67 6.77 21.75
C ALA B 247 -14.16 7.07 21.83
N LYS B 248 -14.80 7.25 20.68
CA LYS B 248 -16.23 7.55 20.71
C LYS B 248 -17.05 6.39 21.26
N ALA B 249 -16.54 5.17 21.15
CA ALA B 249 -17.24 4.02 21.72
C ALA B 249 -16.95 3.84 23.20
N ASN B 250 -15.71 4.02 23.63
CA ASN B 250 -15.39 3.92 25.04
C ASN B 250 -15.93 5.09 25.85
N ASP B 251 -16.26 6.20 25.20
CA ASP B 251 -16.94 7.29 25.89
C ASP B 251 -18.39 6.94 26.22
N GLU B 252 -19.07 6.26 25.29
CA GLU B 252 -20.47 5.89 25.46
C GLU B 252 -20.65 4.50 26.04
N ALA B 253 -19.60 3.92 26.63
CA ALA B 253 -19.67 2.55 27.11
C ALA B 253 -19.13 2.48 28.53
N ASP B 254 -19.70 1.60 29.35
CA ASP B 254 -19.21 1.45 30.73
C ASP B 254 -17.99 0.50 30.77
N GLN B 255 -18.12 -0.59 30.03
CA GLN B 255 -17.11 -1.63 29.89
C GLN B 255 -16.09 -1.17 28.87
N LYS B 256 -14.80 -1.43 29.09
CA LYS B 256 -13.74 -1.33 28.09
C LYS B 256 -14.13 -1.89 26.72
N ILE B 257 -14.04 -1.14 25.63
CA ILE B 257 -14.28 -1.65 24.29
C ILE B 257 -12.99 -1.65 23.49
N SER B 258 -12.83 -2.66 22.66
CA SER B 258 -11.65 -2.75 21.81
C SER B 258 -11.86 -1.94 20.53
N SER B 259 -10.74 -1.53 19.93
CA SER B 259 -10.79 -0.78 18.68
C SER B 259 -11.56 -1.53 17.62
N ILE B 260 -11.29 -2.83 17.48
CA ILE B 260 -11.95 -3.63 16.47
C ILE B 260 -13.44 -3.73 16.76
N GLN B 261 -13.80 -3.91 18.03
CA GLN B 261 -15.21 -3.92 18.39
C GLN B 261 -15.90 -2.62 17.99
N ALA B 262 -15.25 -1.49 18.26
CA ALA B 262 -15.84 -0.19 17.90
C ALA B 262 -16.03 -0.06 16.39
N VAL B 263 -15.00 -0.43 15.62
CA VAL B 263 -15.11 -0.28 14.17
C VAL B 263 -16.18 -1.21 13.61
N LEU B 264 -16.21 -2.46 14.09
CA LEU B 264 -17.23 -3.40 13.64
C LEU B 264 -18.62 -2.89 14.00
N ALA B 265 -18.79 -2.34 15.20
CA ALA B 265 -20.08 -1.81 15.61
C ALA B 265 -20.51 -0.65 14.73
N TYR B 266 -19.55 0.23 14.39
CA TYR B 266 -19.89 1.35 13.51
C TYR B 266 -20.33 0.84 12.15
N ILE B 267 -19.59 -0.10 11.57
CA ILE B 267 -19.97 -0.65 10.28
C ILE B 267 -21.33 -1.33 10.36
N TRP B 268 -21.60 -2.02 11.47
CA TRP B 268 -22.88 -2.70 11.66
C TRP B 268 -24.07 -1.76 11.59
N ARG B 269 -24.02 -0.73 12.44
CA ARG B 269 -25.06 0.28 12.52
C ARG B 269 -25.26 1.01 11.21
N SER B 270 -24.16 1.33 10.52
CA SER B 270 -24.29 2.05 9.26
C SER B 270 -24.86 1.11 8.20
N MET B 271 -24.55 -0.18 8.21
CA MET B 271 -25.17 -1.09 7.26
C MET B 271 -26.65 -1.30 7.58
N VAL B 272 -26.99 -1.44 8.86
CA VAL B 272 -28.37 -1.58 9.31
C VAL B 272 -29.18 -0.35 8.91
N LYS B 273 -28.55 0.82 9.01
CA LYS B 273 -29.30 2.04 8.75
C LYS B 273 -29.76 2.11 7.29
N HIS B 274 -28.96 1.62 6.35
CA HIS B 274 -29.31 1.66 4.93
C HIS B 274 -29.80 0.32 4.42
N SER B 275 -30.15 -0.58 5.33
CA SER B 275 -30.62 -1.92 4.95
C SER B 275 -32.09 -1.95 4.52
N GLY B 276 -32.84 -0.89 4.85
CA GLY B 276 -34.24 -0.84 4.50
C GLY B 276 -35.11 -1.79 5.28
N MET B 277 -34.64 -2.25 6.44
CA MET B 277 -35.37 -3.19 7.26
C MET B 277 -36.34 -2.47 8.19
N SER B 278 -37.33 -3.20 8.68
CA SER B 278 -38.30 -2.66 9.61
C SER B 278 -37.72 -2.59 11.01
N ARG B 279 -38.07 -1.52 11.73
CA ARG B 279 -37.55 -1.28 13.07
C ARG B 279 -37.75 -2.49 13.98
N GLU B 280 -38.78 -3.29 13.72
CA GLU B 280 -39.08 -4.46 14.53
C GLU B 280 -38.40 -5.73 14.03
N GLU B 281 -37.51 -5.60 13.05
CA GLU B 281 -36.81 -6.75 12.50
C GLU B 281 -35.56 -7.07 13.32
N GLU B 282 -35.24 -8.35 13.40
CA GLU B 282 -34.07 -8.80 14.14
C GLU B 282 -32.85 -8.85 13.21
N THR B 283 -31.79 -8.16 13.61
CA THR B 283 -30.53 -8.22 12.90
C THR B 283 -29.44 -8.78 13.82
N HIS B 284 -28.51 -9.48 13.20
CA HIS B 284 -27.45 -10.17 13.92
C HIS B 284 -26.08 -9.79 13.38
N CYS B 285 -25.11 -9.87 14.27
CA CYS B 285 -23.69 -9.73 13.92
C CYS B 285 -23.01 -11.04 14.28
N ARG B 286 -22.47 -11.69 13.25
CA ARG B 286 -21.79 -12.97 13.47
C ARG B 286 -20.29 -12.77 13.36
N LEU B 287 -19.60 -13.37 14.33
CA LEU B 287 -18.18 -13.12 14.52
C LEU B 287 -17.44 -14.43 14.78
N PRO B 288 -16.30 -14.65 14.12
CA PRO B 288 -15.49 -15.83 14.42
C PRO B 288 -14.84 -15.70 15.79
N ILE B 289 -14.84 -16.79 16.53
CA ILE B 289 -14.28 -16.83 17.88
C ILE B 289 -13.35 -18.02 17.97
N ASN B 290 -12.07 -17.75 18.22
CA ASN B 290 -11.10 -18.81 18.47
C ASN B 290 -11.27 -19.30 19.90
N MET B 291 -11.69 -20.54 20.05
CA MET B 291 -12.05 -21.10 21.35
C MET B 291 -10.91 -21.82 22.04
N ARG B 292 -9.70 -21.70 21.53
CA ARG B 292 -8.61 -22.42 22.14
C ARG B 292 -8.40 -22.05 23.61
N GLN B 293 -8.37 -20.78 23.90
CA GLN B 293 -8.16 -20.34 25.23
C GLN B 293 -9.41 -20.33 26.07
N ARG B 294 -10.56 -20.48 25.45
CA ARG B 294 -11.81 -20.45 26.14
C ARG B 294 -12.33 -21.79 26.58
N LEU B 295 -11.78 -22.84 26.07
CA LEU B 295 -12.22 -24.14 26.47
C LEU B 295 -11.56 -24.47 27.78
N ASN B 296 -12.19 -25.31 28.56
CA ASN B 296 -11.62 -25.67 29.82
C ASN B 296 -11.45 -27.14 29.83
N PRO B 297 -10.22 -27.62 29.90
CA PRO B 297 -8.90 -27.04 29.88
C PRO B 297 -8.61 -26.45 28.55
N PRO B 298 -7.86 -25.38 28.51
CA PRO B 298 -7.57 -24.77 27.24
C PRO B 298 -6.62 -25.55 26.41
N LEU B 299 -6.68 -25.40 25.11
CA LEU B 299 -5.75 -26.08 24.23
C LEU B 299 -4.65 -25.12 23.87
N GLU B 300 -3.55 -25.64 23.36
CA GLU B 300 -2.42 -24.82 23.01
C GLU B 300 -2.76 -23.93 21.90
N GLU B 301 -2.13 -22.77 21.81
CA GLU B 301 -2.51 -21.90 20.73
C GLU B 301 -2.17 -22.43 19.35
N GLU B 302 -1.10 -23.20 19.25
CA GLU B 302 -0.61 -23.82 18.05
C GLU B 302 -1.38 -25.07 17.64
N CYS B 303 -2.36 -25.45 18.46
CA CYS B 303 -3.19 -26.61 18.20
C CYS B 303 -3.77 -26.51 16.81
N PHE B 304 -3.63 -27.57 16.02
CA PHE B 304 -4.12 -27.58 14.69
C PHE B 304 -5.49 -28.19 14.56
N GLY B 305 -6.31 -27.57 13.77
CA GLY B 305 -7.66 -28.02 13.52
C GLY B 305 -8.60 -26.85 13.52
N ASN B 306 -9.90 -27.15 13.41
CA ASN B 306 -10.94 -26.13 13.54
C ASN B 306 -11.35 -26.05 15.00
N VAL B 307 -10.90 -25.00 15.68
CA VAL B 307 -11.19 -24.77 17.09
C VAL B 307 -11.93 -23.46 17.24
N SER B 308 -12.70 -23.08 16.22
CA SER B 308 -13.37 -21.80 16.11
C SER B 308 -14.88 -22.02 16.04
N GLN B 309 -15.65 -21.04 16.54
CA GLN B 309 -17.09 -21.10 16.47
C GLN B 309 -17.63 -19.71 16.15
N THR B 310 -18.86 -19.67 15.65
CA THR B 310 -19.48 -18.41 15.29
C THR B 310 -20.31 -17.88 16.46
N GLY B 311 -19.91 -16.74 17.02
CA GLY B 311 -20.72 -16.05 18.00
C GLY B 311 -21.69 -15.12 17.30
N ILE B 312 -22.86 -14.94 17.90
CA ILE B 312 -23.95 -14.21 17.29
C ILE B 312 -24.48 -13.20 18.30
N ALA B 313 -24.50 -11.93 17.91
CA ALA B 313 -25.13 -10.87 18.69
C ALA B 313 -26.43 -10.49 18.01
N THR B 314 -27.53 -10.58 18.74
CA THR B 314 -28.88 -10.39 18.20
C THR B 314 -29.49 -9.13 18.79
N VAL B 315 -30.05 -8.28 17.94
CA VAL B 315 -30.77 -7.10 18.41
C VAL B 315 -31.87 -6.77 17.41
N THR B 316 -32.71 -5.80 17.75
CA THR B 316 -33.67 -5.27 16.79
C THR B 316 -33.05 -4.10 16.03
N VAL B 317 -33.47 -3.95 14.78
CA VAL B 317 -33.00 -2.84 13.97
C VAL B 317 -33.45 -1.56 14.67
N GLY B 318 -34.47 -1.63 15.48
CA GLY B 318 -34.87 -0.44 16.18
C GLY B 318 -33.96 -0.20 17.33
N GLU B 319 -33.62 -1.25 18.04
CA GLU B 319 -32.75 -1.10 19.17
C GLU B 319 -31.38 -0.58 18.76
N LEU B 320 -30.85 -1.05 17.64
CA LEU B 320 -29.53 -0.65 17.23
C LEU B 320 -29.48 0.77 16.75
N LEU B 321 -30.46 1.18 15.98
CA LEU B 321 -30.47 2.52 15.47
C LEU B 321 -30.82 3.55 16.49
N ASP B 322 -31.51 3.16 17.55
CA ASP B 322 -31.89 4.11 18.56
C ASP B 322 -30.78 4.26 19.55
N HIS B 323 -29.86 3.33 19.67
CA HIS B 323 -28.73 3.58 20.58
C HIS B 323 -27.51 4.06 19.82
N GLY B 324 -26.42 4.36 20.52
CA GLY B 324 -25.23 4.88 19.90
C GLY B 324 -24.21 3.80 19.59
N LEU B 325 -23.01 4.25 19.24
CA LEU B 325 -21.91 3.34 18.90
C LEU B 325 -21.51 2.49 20.09
N GLY B 326 -21.44 3.13 21.27
CA GLY B 326 -21.05 2.39 22.46
C GLY B 326 -21.98 1.23 22.77
N TRP B 327 -23.27 1.39 22.48
CA TRP B 327 -24.23 0.34 22.78
C TRP B 327 -24.02 -0.87 21.88
N ALA B 328 -23.86 -0.65 20.57
CA ALA B 328 -23.58 -1.75 19.66
C ALA B 328 -22.25 -2.42 19.99
N ALA B 329 -21.24 -1.61 20.32
CA ALA B 329 -19.96 -2.18 20.74
C ALA B 329 -20.13 -3.06 21.96
N MET B 330 -20.91 -2.62 22.94
CA MET B 330 -21.14 -3.43 24.13
C MET B 330 -21.92 -4.69 23.79
N GLN B 331 -22.82 -4.61 22.81
CA GLN B 331 -23.52 -5.82 22.37
C GLN B 331 -22.53 -6.84 21.83
N ILE B 332 -21.63 -6.40 20.95
CA ILE B 332 -20.60 -7.31 20.42
C ILE B 332 -19.75 -7.86 21.55
N ASN B 333 -19.34 -7.00 22.48
CA ASN B 333 -18.45 -7.44 23.56
C ASN B 333 -19.15 -8.42 24.48
N ASN B 334 -20.43 -8.21 24.75
CA ASN B 334 -21.19 -9.14 25.58
C ASN B 334 -21.34 -10.48 24.87
N MET B 335 -21.64 -10.45 23.57
CA MET B 335 -21.65 -11.69 22.80
C MET B 335 -20.34 -12.44 22.94
N GLU B 336 -19.22 -11.72 22.79
CA GLU B 336 -17.92 -12.37 22.90
C GLU B 336 -17.68 -12.95 24.29
N LEU B 337 -18.07 -12.20 25.34
CA LEU B 337 -17.92 -12.69 26.70
C LEU B 337 -18.75 -13.94 26.93
N SER B 338 -19.83 -14.12 26.18
CA SER B 338 -20.79 -15.21 26.18
C SER B 338 -20.19 -16.53 25.70
N GLN B 339 -19.05 -16.46 25.00
CA GLN B 339 -18.49 -17.63 24.32
C GLN B 339 -17.61 -18.39 25.31
N THR B 340 -18.26 -19.15 26.17
CA THR B 340 -17.64 -19.90 27.26
C THR B 340 -17.47 -21.36 26.89
N ASP B 341 -16.62 -22.05 27.65
CA ASP B 341 -16.51 -23.50 27.56
C ASP B 341 -17.86 -24.18 27.77
N GLU B 342 -18.56 -23.73 28.81
CA GLU B 342 -19.88 -24.26 29.12
C GLU B 342 -20.81 -24.10 27.92
N LYS B 343 -20.81 -22.92 27.32
CA LYS B 343 -21.66 -22.69 26.16
C LYS B 343 -21.28 -23.60 25.00
N ALA B 344 -19.98 -23.79 24.81
CA ALA B 344 -19.48 -24.67 23.75
C ALA B 344 -19.82 -26.11 24.12
N LYS B 345 -19.84 -26.39 25.41
CA LYS B 345 -20.16 -27.72 25.90
C LYS B 345 -21.63 -28.02 25.63
N ALA B 346 -22.48 -27.03 25.90
CA ALA B 346 -23.92 -27.18 25.66
C ALA B 346 -24.32 -27.23 24.20
N PHE B 347 -23.70 -26.39 23.37
CA PHE B 347 -23.98 -26.41 21.94
C PHE B 347 -23.68 -27.79 21.35
N ALA B 348 -22.59 -28.41 21.78
CA ALA B 348 -22.21 -29.71 21.22
C ALA B 348 -23.23 -30.78 21.62
N GLU B 349 -23.50 -30.89 22.92
CA GLU B 349 -24.50 -31.85 23.39
C GLU B 349 -25.84 -31.63 22.73
N ASN B 350 -26.22 -30.37 22.52
CA ASN B 350 -27.46 -30.07 21.82
C ASN B 350 -27.41 -30.61 20.40
N TRP B 351 -26.48 -30.11 19.61
CA TRP B 351 -26.34 -30.46 18.21
C TRP B 351 -26.41 -31.96 17.91
N VAL B 352 -25.75 -32.80 18.68
CA VAL B 352 -25.79 -34.23 18.37
C VAL B 352 -27.12 -34.92 18.65
N LYS B 353 -28.00 -34.25 19.38
CA LYS B 353 -29.29 -34.81 19.57
C LYS B 353 -30.24 -34.14 18.62
N ASN B 354 -30.00 -32.90 18.27
CA ASN B 354 -30.90 -32.27 17.35
C ASN B 354 -30.00 -31.73 16.31
N ILE B 355 -29.28 -32.55 15.46
CA ILE B 355 -28.35 -32.22 14.38
C ILE B 355 -28.87 -31.03 13.60
N LYS B 356 -27.95 -30.15 13.18
CA LYS B 356 -28.26 -28.99 12.35
C LYS B 356 -27.14 -28.76 11.31
N ILE B 357 -27.38 -29.06 10.06
CA ILE B 357 -26.34 -28.87 9.06
C ILE B 357 -26.96 -28.05 7.97
N PRO B 358 -26.93 -26.73 8.11
CA PRO B 358 -27.55 -25.82 7.18
C PRO B 358 -26.81 -25.64 5.91
N VAL B 359 -27.41 -24.92 5.00
CA VAL B 359 -26.79 -24.66 3.76
C VAL B 359 -26.42 -23.16 3.68
N SER B 360 -27.08 -22.35 4.49
CA SER B 360 -26.78 -20.92 4.57
C SER B 360 -27.14 -20.17 5.83
N VAL B 361 -28.39 -19.79 5.99
CA VAL B 361 -28.82 -18.98 7.14
C VAL B 361 -28.01 -17.65 7.40
N GLY B 362 -28.27 -16.62 6.63
CA GLY B 362 -27.57 -15.38 6.88
C GLY B 362 -27.35 -14.53 5.67
N SER B 363 -28.27 -13.62 5.39
CA SER B 363 -28.10 -12.69 4.30
C SER B 363 -28.69 -11.37 4.69
N LYS B 364 -28.88 -11.14 5.96
CA LYS B 364 -29.40 -9.89 6.46
C LYS B 364 -28.67 -9.60 7.77
N ASP B 365 -27.59 -10.31 7.97
CA ASP B 365 -26.73 -10.18 9.13
C ASP B 365 -25.45 -9.46 8.68
N LEU B 366 -24.63 -9.07 9.64
CA LEU B 366 -23.24 -8.70 9.39
C LEU B 366 -22.39 -9.93 9.65
N VAL B 367 -21.78 -10.47 8.59
CA VAL B 367 -21.04 -11.71 8.73
C VAL B 367 -19.56 -11.38 8.55
N VAL B 368 -18.96 -11.19 9.70
CA VAL B 368 -17.60 -10.89 9.90
C VAL B 368 -16.85 -12.17 9.74
N THR B 369 -15.87 -12.15 8.89
CA THR B 369 -15.04 -13.32 8.63
C THR B 369 -13.59 -12.94 8.59
N ASN B 370 -12.69 -13.89 8.74
CA ASN B 370 -11.23 -13.64 8.89
C ASN B 370 -10.95 -12.93 10.27
N SER B 371 -9.75 -12.38 10.51
CA SER B 371 -9.44 -11.75 11.79
C SER B 371 -8.30 -10.76 11.70
N HIS B 372 -8.54 -9.57 12.22
CA HIS B 372 -7.50 -8.55 12.27
C HIS B 372 -6.24 -9.05 12.96
N ARG B 373 -6.30 -10.21 13.61
CA ARG B 373 -5.15 -10.73 14.35
C ARG B 373 -4.14 -11.42 13.44
N PHE B 374 -4.50 -11.73 12.21
CA PHE B 374 -3.61 -12.42 11.28
C PHE B 374 -2.71 -11.41 10.58
N ASP B 375 -1.40 -11.64 10.64
CA ASP B 375 -0.43 -10.78 10.00
C ASP B 375 -0.35 -11.16 8.52
N VAL B 376 -1.08 -10.42 7.70
CA VAL B 376 -1.14 -10.69 6.26
C VAL B 376 0.26 -10.64 5.65
N TYR B 377 1.02 -9.62 6.01
CA TYR B 377 2.21 -9.26 5.26
C TYR B 377 3.49 -9.93 5.77
N CYS B 378 3.37 -10.89 6.68
CA CYS B 378 4.53 -11.68 7.06
C CYS B 378 4.78 -12.83 6.09
N ASN B 379 3.91 -13.03 5.10
CA ASN B 379 3.97 -14.18 4.21
C ASN B 379 4.86 -13.90 2.99
N ASP B 380 6.14 -13.66 3.28
CA ASP B 380 7.15 -13.46 2.24
C ASP B 380 7.66 -14.83 1.81
N PHE B 381 7.36 -15.21 0.57
CA PHE B 381 7.81 -16.51 0.06
C PHE B 381 9.23 -16.48 -0.50
N GLY B 382 9.90 -15.34 -0.43
CA GLY B 382 11.26 -15.24 -0.91
C GLY B 382 11.48 -14.14 -1.92
N TRP B 383 10.39 -13.64 -2.51
CA TRP B 383 10.44 -12.58 -3.50
C TRP B 383 9.74 -11.31 -3.05
N GLY B 384 9.52 -11.17 -1.75
CA GLY B 384 8.93 -9.96 -1.20
C GLY B 384 7.60 -10.23 -0.52
N LYS B 385 7.26 -9.33 0.40
CA LYS B 385 6.00 -9.42 1.10
C LYS B 385 4.84 -9.25 0.14
N PRO B 386 3.67 -9.79 0.47
CA PRO B 386 2.48 -9.54 -0.35
C PRO B 386 2.07 -8.08 -0.24
N ILE B 387 1.36 -7.61 -1.27
CA ILE B 387 0.84 -6.26 -1.27
C ILE B 387 -0.64 -6.20 -0.91
N ALA B 388 -1.28 -7.35 -0.72
CA ALA B 388 -2.69 -7.37 -0.34
C ALA B 388 -3.12 -8.80 -0.08
N ALA B 389 -4.15 -8.94 0.75
CA ALA B 389 -4.85 -10.20 0.94
C ALA B 389 -6.31 -9.99 0.55
N ARG B 390 -6.90 -10.99 -0.09
CA ARG B 390 -8.26 -10.87 -0.58
C ARG B 390 -9.01 -12.18 -0.37
N ALA B 391 -10.33 -12.09 -0.43
CA ALA B 391 -11.20 -13.24 -0.29
C ALA B 391 -11.90 -13.55 -1.61
N GLY B 392 -12.22 -14.82 -1.80
CA GLY B 392 -12.90 -15.25 -3.00
C GLY B 392 -14.30 -15.71 -2.72
N PRO B 393 -14.90 -16.45 -3.65
CA PRO B 393 -16.24 -17.00 -3.43
C PRO B 393 -16.23 -17.99 -2.29
N PRO B 394 -17.41 -18.38 -1.78
CA PRO B 394 -18.70 -17.90 -2.28
C PRO B 394 -19.07 -16.53 -1.74
N TYR B 395 -19.99 -15.85 -2.43
CA TYR B 395 -20.38 -14.50 -2.05
C TYR B 395 -21.71 -14.53 -1.29
N LEU B 396 -21.80 -13.66 -0.28
CA LEU B 396 -22.88 -13.65 0.70
C LEU B 396 -23.17 -12.22 1.10
N ASN B 397 -24.40 -11.73 0.98
CA ASN B 397 -24.72 -10.39 1.40
C ASN B 397 -24.40 -10.20 2.88
N GLY B 398 -23.69 -9.12 3.20
CA GLY B 398 -23.29 -8.86 4.55
C GLY B 398 -21.94 -9.41 4.95
N ARG B 399 -21.26 -10.15 4.07
CA ARG B 399 -19.95 -10.66 4.39
C ARG B 399 -18.96 -9.50 4.52
N LEU B 400 -18.17 -9.53 5.60
CA LEU B 400 -17.18 -8.49 5.88
C LEU B 400 -15.88 -9.19 6.29
N VAL B 401 -14.98 -9.36 5.32
CA VAL B 401 -13.69 -10.00 5.57
C VAL B 401 -12.74 -8.96 6.13
N VAL B 402 -12.14 -9.27 7.27
CA VAL B 402 -11.28 -8.34 8.00
C VAL B 402 -9.83 -8.67 7.72
N PHE B 403 -9.04 -7.66 7.40
CA PHE B 403 -7.61 -7.80 7.14
C PHE B 403 -6.86 -6.73 7.92
N LYS B 404 -5.80 -7.14 8.60
CA LYS B 404 -4.90 -6.21 9.25
C LYS B 404 -4.29 -5.27 8.22
N GLY B 405 -4.30 -3.97 8.49
CA GLY B 405 -3.72 -3.01 7.57
C GLY B 405 -2.20 -3.08 7.55
N ILE B 406 -1.63 -2.41 6.56
CA ILE B 406 -0.17 -2.38 6.44
C ILE B 406 0.45 -1.66 7.63
N GLY B 407 -0.21 -0.62 8.11
CA GLY B 407 0.30 0.14 9.25
C GLY B 407 0.19 -0.60 10.56
N GLU B 408 0.15 0.15 11.66
CA GLU B 408 0.11 -0.42 13.00
C GLU B 408 -1.29 -0.77 13.46
N ALA B 409 -2.27 0.09 13.19
CA ALA B 409 -3.62 -0.17 13.65
C ALA B 409 -4.67 0.06 12.56
N SER B 410 -4.25 0.19 11.32
CA SER B 410 -5.18 0.36 10.22
C SER B 410 -5.93 -0.95 9.97
N LEU B 411 -7.06 -0.85 9.26
CA LEU B 411 -7.87 -2.00 8.95
C LEU B 411 -8.34 -1.94 7.51
N ASP B 412 -8.47 -3.11 6.89
CA ASP B 412 -9.07 -3.23 5.57
C ASP B 412 -10.21 -4.23 5.64
N PHE B 413 -11.27 -3.94 4.90
CA PHE B 413 -12.45 -4.80 4.88
C PHE B 413 -12.85 -5.08 3.44
N GLN B 414 -13.14 -6.34 3.15
CA GLN B 414 -13.73 -6.74 1.89
C GLN B 414 -15.20 -7.04 2.15
N ALA B 415 -16.08 -6.20 1.62
CA ALA B 415 -17.49 -6.25 1.95
C ALA B 415 -18.31 -6.67 0.74
N CYS B 416 -19.26 -7.57 0.97
CA CYS B 416 -20.23 -7.95 -0.04
C CYS B 416 -21.58 -7.37 0.38
N LEU B 417 -22.17 -6.59 -0.52
CA LEU B 417 -23.34 -5.79 -0.17
C LEU B 417 -24.26 -5.68 -1.37
N LEU B 418 -25.49 -5.31 -1.13
CA LEU B 418 -26.42 -5.09 -2.20
C LEU B 418 -26.08 -3.76 -2.81
N PRO B 419 -26.22 -3.61 -4.11
CA PRO B 419 -25.95 -2.37 -4.83
C PRO B 419 -26.66 -1.18 -4.22
N GLN B 420 -27.91 -1.34 -3.89
CA GLN B 420 -28.65 -0.29 -3.25
C GLN B 420 -28.04 0.11 -1.92
N VAL B 421 -27.52 -0.83 -1.15
CA VAL B 421 -26.88 -0.45 0.09
C VAL B 421 -25.57 0.29 -0.17
N VAL B 422 -24.89 -0.08 -1.22
CA VAL B 422 -23.66 0.51 -1.55
C VAL B 422 -23.89 1.96 -1.87
N GLU B 423 -24.83 2.23 -2.74
CA GLU B 423 -25.08 3.62 -3.13
C GLU B 423 -25.47 4.46 -1.91
N LYS B 424 -26.29 3.91 -1.01
CA LYS B 424 -26.65 4.67 0.18
C LYS B 424 -25.43 4.93 1.07
N LEU B 425 -24.50 4.00 1.10
CA LEU B 425 -23.32 4.15 1.92
C LEU B 425 -22.36 5.16 1.37
N VAL B 426 -22.25 5.29 0.07
CA VAL B 426 -21.37 6.28 -0.46
C VAL B 426 -21.84 7.68 -0.22
N LYS B 427 -23.13 7.89 -0.15
CA LYS B 427 -23.66 9.18 0.14
C LYS B 427 -23.69 9.50 1.61
N ASP B 428 -23.38 8.56 2.46
CA ASP B 428 -23.38 8.79 3.90
C ASP B 428 -22.11 9.54 4.29
N ALA B 429 -22.24 10.85 4.50
CA ALA B 429 -21.07 11.69 4.76
C ALA B 429 -20.32 11.22 6.00
N GLU B 430 -21.03 11.04 7.12
CA GLU B 430 -20.36 10.66 8.36
C GLU B 430 -19.63 9.33 8.19
N PHE B 431 -20.24 8.38 7.48
CA PHE B 431 -19.57 7.11 7.25
C PHE B 431 -18.26 7.30 6.49
N ASN B 432 -18.31 8.04 5.38
CA ASN B 432 -17.10 8.27 4.61
C ASN B 432 -16.08 9.13 5.34
N GLU B 433 -16.48 9.71 6.47
CA GLU B 433 -15.57 10.52 7.27
C GLU B 433 -14.62 9.61 8.06
N TYR B 434 -15.10 8.44 8.46
CA TYR B 434 -14.32 7.47 9.19
C TYR B 434 -13.82 6.32 8.33
N VAL B 435 -14.50 6.01 7.23
CA VAL B 435 -14.23 4.83 6.43
C VAL B 435 -14.02 5.26 4.99
N SER B 436 -12.89 4.85 4.41
CA SER B 436 -12.55 5.19 3.04
C SER B 436 -12.99 4.06 2.12
N ILE B 437 -13.97 4.36 1.28
CA ILE B 437 -14.47 3.39 0.31
C ILE B 437 -13.66 3.52 -0.97
N VAL B 438 -13.16 2.40 -1.46
CA VAL B 438 -12.30 2.48 -2.64
C VAL B 438 -13.13 2.38 -3.91
#